data_5KJR
#
_entry.id   5KJR
#
_cell.length_a   95.191
_cell.length_b   101.944
_cell.length_c   108.747
_cell.angle_alpha   90.00
_cell.angle_beta   90.00
_cell.angle_gamma   90.00
#
_symmetry.space_group_name_H-M   'P 21 21 2'
#
loop_
_entity.id
_entity.type
_entity.pdbx_description
1 polymer 'clade A/E 93TH057 HIV-1 gp120 core'
2 polymer 'M48U1 CD4 MIMETIC PEPTIDE'
3 polymer 'N60-I3 FAB HEAVY CHAIN'
4 polymer 'N60-I3 FAB LIGHT CHAIN'
5 non-polymer 2-acetamido-2-deoxy-beta-D-glucopyranose
6 non-polymer (4S)-2-METHYL-2,4-PENTANEDIOL
7 water water
#
loop_
_entity_poly.entity_id
_entity_poly.type
_entity_poly.pdbx_seq_one_letter_code
_entity_poly.pdbx_strand_id
1 'polypeptide(L)'
;VWKDADTTLFCASDAKAHETEVHNVAATHACVPTDPNPQEIHLENVTENFNMWKNNMVEQMQEDVISLWDQWLQPCVKLT
GGSVIKQACPKISFDPIPIHYCTPAGYVILKCNDKNFNGTGPCKNVSSVQCTHGIKPVVSTQLLLNGSLAEEEIIIRSEN
LTNNAKTIIVHLNKSVEINCTRPSNGGSGSGGDIRKAYCEINGTKWNKVLKQVTEKLKEHFNNKTIIFQPPSGGDLEITM
HSFNCRGEFFYCNTTQLFNNTCIGNETMKGCNGTITLPCKIKQIINMWQGTGQAMYAPPIDGKINCVSNITGILLTRDGG
ANNTSNETFRPGGGNIKDNWRSELYKYKVVQIE
;
G
2 'polypeptide(L)' (MPT)NLHFCQLRCKSLGLLGRCA(DPR)T(U2X)CACV(NH2) N
3 'polypeptide(L)'
;EVQLVESGPGLVKPSQTLSLTCTVSGASISSGGYFWSWIRQHPGKGLEWIGNIYYIGNTYYNPSLKSRLTISVDTTQNQF
SLKLTSVTAADTAVYYCARVPRLRGGNYFDSWGQGTLVTVSSASTKGPSVFPLAPSSKSTSGGTAALGCLVKDYFPEPVT
VSWNSGALTSGVHTFPAVLQSSGLYSLSSVVTVPSSSLGTQTYICNVNHKPSNTKVDKRVEPKSCDKTH
;
H
4 'polypeptide(L)'
;TGVLSQSVLTQPASVSGSPGQSITISCTGTSSDVGGYKYVSWYQQHPDKAPKLMIYEVSNRPSGVSNRFSGSKSGNTASL
TISGLQAEDEADYYCSSYTSSSTWVFGGGTKLTVLGQPKAAPSVTLFPPSSEELQANKATLVCLISDFYPGAVTVAWKAD
SSPVKAGVETTTPSKQSNNKYAASSYLSLTPEQWKSHRSYSCQVTHEGSTVEKTVAPTECS
;
L
#
loop_
_chem_comp.id
_chem_comp.type
_chem_comp.name
_chem_comp.formula
MPD non-polymer (4S)-2-METHYL-2,4-PENTANEDIOL 'C6 H14 O2'
MPT non-polymer 'BETA-MERCAPTOPROPIONIC ACID' 'C3 H6 O2 S'
NAG D-saccharide, beta linking 2-acetamido-2-deoxy-beta-D-glucopyranose 'C8 H15 N O6'
NH2 non-polymer 'AMINO GROUP' 'H2 N'
#
# COMPACT_ATOMS: atom_id res chain seq x y z
N VAL A 1 -13.16 3.00 26.63
CA VAL A 1 -12.01 2.27 26.02
C VAL A 1 -12.22 1.96 24.56
N TRP A 2 -13.46 1.76 24.10
CA TRP A 2 -13.74 1.60 22.67
C TRP A 2 -15.15 2.03 22.22
N LYS A 3 -15.29 2.23 20.92
CA LYS A 3 -16.55 2.56 20.27
C LYS A 3 -16.58 1.73 19.01
N ASP A 4 -17.75 1.33 18.53
CA ASP A 4 -17.79 0.52 17.30
C ASP A 4 -17.25 1.38 16.16
N ALA A 5 -16.74 0.69 15.15
CA ALA A 5 -16.15 1.34 14.00
C ALA A 5 -15.92 0.31 12.93
N ASP A 6 -15.86 0.78 11.69
CA ASP A 6 -15.48 -0.07 10.55
C ASP A 6 -14.26 0.52 9.95
N THR A 7 -13.39 -0.31 9.42
CA THR A 7 -12.21 0.19 8.75
C THR A 7 -11.62 -0.92 7.88
N THR A 8 -11.02 -0.55 6.76
CA THR A 8 -10.50 -1.54 5.83
C THR A 8 -9.52 -2.40 6.61
N LEU A 9 -9.89 -3.66 6.77
CA LEU A 9 -9.10 -4.66 7.48
C LEU A 9 -7.91 -5.01 6.64
N PHE A 10 -7.19 -6.02 7.10
CA PHE A 10 -6.22 -6.63 6.27
C PHE A 10 -6.39 -8.09 6.42
N CYS A 11 -5.90 -8.77 5.42
CA CYS A 11 -6.25 -10.11 5.22
C CYS A 11 -4.99 -10.93 5.42
N ALA A 12 -5.12 -12.15 5.94
CA ALA A 12 -3.95 -12.97 6.19
C ALA A 12 -4.16 -14.38 5.77
N SER A 13 -3.14 -15.05 5.24
CA SER A 13 -3.31 -16.39 4.72
C SER A 13 -2.04 -17.18 4.73
N ASP A 14 -2.19 -18.50 4.74
CA ASP A 14 -1.08 -19.44 4.50
C ASP A 14 -0.85 -19.67 3.00
N ALA A 15 -1.22 -18.69 2.17
CA ALA A 15 -1.17 -18.84 0.72
C ALA A 15 0.25 -19.08 0.28
N LYS A 16 0.44 -20.19 -0.42
CA LYS A 16 1.75 -20.57 -0.90
C LYS A 16 1.95 -19.87 -2.22
N ALA A 17 2.99 -19.01 -2.26
CA ALA A 17 3.36 -18.18 -3.43
C ALA A 17 3.11 -18.88 -4.76
N HIS A 18 4.10 -19.64 -5.20
CA HIS A 18 4.14 -20.35 -6.49
C HIS A 18 2.91 -21.17 -6.94
N GLU A 19 2.26 -21.91 -6.05
CA GLU A 19 1.21 -22.82 -6.51
C GLU A 19 0.16 -22.01 -7.28
N THR A 20 -0.22 -22.48 -8.46
CA THR A 20 -0.96 -21.67 -9.43
C THR A 20 -2.45 -21.54 -9.13
N GLU A 21 -2.89 -21.88 -7.92
CA GLU A 21 -4.31 -21.83 -7.64
C GLU A 21 -4.74 -20.38 -7.48
N VAL A 22 -5.99 -20.17 -7.88
CA VAL A 22 -6.63 -18.87 -7.90
C VAL A 22 -6.57 -18.14 -6.57
N HIS A 23 -7.17 -18.74 -5.55
CA HIS A 23 -7.24 -18.15 -4.21
C HIS A 23 -5.84 -17.92 -3.60
N ASN A 24 -4.88 -18.80 -3.90
CA ASN A 24 -3.47 -18.59 -3.50
C ASN A 24 -2.89 -17.36 -4.18
N VAL A 25 -3.00 -17.32 -5.50
CA VAL A 25 -2.41 -16.26 -6.33
C VAL A 25 -3.09 -14.90 -6.11
N ALA A 26 -4.31 -14.91 -5.59
CA ALA A 26 -4.97 -13.66 -5.20
C ALA A 26 -4.59 -13.22 -3.79
N ALA A 27 -4.17 -14.16 -2.93
CA ALA A 27 -3.84 -13.87 -1.53
C ALA A 27 -2.37 -13.50 -1.38
N THR A 28 -1.52 -14.12 -2.21
CA THR A 28 -0.10 -13.80 -2.17
C THR A 28 0.18 -12.33 -2.45
N HIS A 29 -0.72 -11.65 -3.17
CA HIS A 29 -0.81 -10.20 -3.09
C HIS A 29 -2.13 -9.86 -2.44
N ALA A 30 -2.27 -8.63 -1.95
CA ALA A 30 -3.50 -8.20 -1.17
C ALA A 30 -3.65 -8.80 0.26
N CYS A 31 -2.89 -9.84 0.52
CA CYS A 31 -2.94 -10.52 1.78
C CYS A 31 -1.56 -10.71 2.36
N VAL A 32 -1.47 -10.76 3.68
CA VAL A 32 -0.16 -10.83 4.31
C VAL A 32 -0.02 -12.21 4.93
N PRO A 33 1.20 -12.62 5.31
CA PRO A 33 1.32 -14.00 5.79
C PRO A 33 0.71 -14.22 7.16
N THR A 34 0.78 -15.45 7.61
CA THR A 34 0.01 -15.83 8.77
C THR A 34 0.91 -15.89 9.97
N ASP A 35 0.41 -15.38 11.09
CA ASP A 35 1.13 -15.44 12.33
C ASP A 35 1.01 -16.86 12.90
N PRO A 36 2.16 -17.45 13.38
CA PRO A 36 2.08 -18.80 13.99
C PRO A 36 1.59 -18.78 15.43
N ASN A 37 1.92 -17.70 16.16
CA ASN A 37 1.45 -17.52 17.55
C ASN A 37 0.56 -16.26 17.63
N PRO A 38 -0.71 -16.38 17.15
CA PRO A 38 -1.68 -15.31 17.33
C PRO A 38 -2.23 -15.43 18.72
N GLN A 39 -2.81 -14.38 19.25
CA GLN A 39 -3.25 -14.48 20.64
C GLN A 39 -4.61 -13.87 20.91
N GLU A 40 -5.36 -14.64 21.71
CA GLU A 40 -6.72 -14.34 22.17
C GLU A 40 -6.53 -13.80 23.57
N ILE A 41 -7.26 -12.73 23.90
CA ILE A 41 -7.21 -12.15 25.25
C ILE A 41 -8.61 -12.13 25.80
N HIS A 42 -8.82 -12.81 26.92
CA HIS A 42 -10.14 -12.80 27.55
C HIS A 42 -10.24 -11.46 28.28
N LEU A 43 -11.25 -10.68 27.92
CA LEU A 43 -11.43 -9.37 28.52
C LEU A 43 -12.15 -9.49 29.87
N GLU A 44 -11.42 -9.11 30.94
CA GLU A 44 -11.96 -8.59 32.22
C GLU A 44 -13.34 -9.18 32.62
N ASN A 45 -14.23 -8.34 33.17
CA ASN A 45 -15.63 -8.64 33.39
C ASN A 45 -16.34 -7.93 32.22
N VAL A 46 -16.62 -8.60 31.10
CA VAL A 46 -17.04 -7.83 29.91
C VAL A 46 -18.20 -8.44 29.13
N THR A 47 -19.22 -7.63 28.80
CA THR A 47 -20.31 -8.07 27.91
C THR A 47 -20.43 -7.02 26.81
N GLU A 48 -20.68 -7.48 25.59
CA GLU A 48 -20.76 -6.58 24.42
C GLU A 48 -21.94 -6.90 23.55
N ASN A 49 -22.45 -5.85 22.89
CA ASN A 49 -23.65 -5.96 22.07
C ASN A 49 -23.25 -6.27 20.66
N PHE A 50 -23.36 -7.54 20.29
CA PHE A 50 -23.03 -7.95 18.95
C PHE A 50 -24.25 -7.74 18.05
N ASN A 51 -24.17 -8.26 16.82
CA ASN A 51 -25.17 -8.12 15.74
C ASN A 51 -24.40 -8.52 14.49
N MET A 52 -24.65 -9.74 14.06
CA MET A 52 -24.05 -10.33 12.88
C MET A 52 -24.64 -9.82 11.58
N TRP A 53 -25.83 -9.22 11.65
CA TRP A 53 -26.52 -8.77 10.45
C TRP A 53 -26.10 -7.35 10.06
N LYS A 54 -25.49 -6.56 10.95
CA LYS A 54 -24.91 -5.27 10.58
C LYS A 54 -23.46 -5.27 11.05
N ASN A 55 -22.65 -5.92 10.22
CA ASN A 55 -21.24 -6.17 10.49
C ASN A 55 -20.55 -5.79 9.19
N ASN A 56 -19.69 -4.79 9.21
CA ASN A 56 -19.00 -4.40 8.00
C ASN A 56 -17.98 -5.42 7.49
N MET A 57 -17.57 -6.34 8.34
CA MET A 57 -16.59 -7.37 7.94
C MET A 57 -17.13 -8.30 6.86
N VAL A 58 -18.44 -8.38 6.72
CA VAL A 58 -19.05 -9.27 5.74
C VAL A 58 -19.23 -8.59 4.42
N GLU A 59 -19.19 -7.26 4.42
CA GLU A 59 -19.23 -6.49 3.20
C GLU A 59 -17.82 -6.28 2.61
N GLN A 60 -16.80 -6.40 3.44
CA GLN A 60 -15.43 -6.44 2.95
C GLN A 60 -15.10 -7.84 2.48
N MET A 61 -15.50 -8.87 3.20
CA MET A 61 -15.31 -10.23 2.69
C MET A 61 -16.02 -10.32 1.37
N GLN A 62 -17.22 -9.74 1.29
CA GLN A 62 -18.07 -9.84 0.08
C GLN A 62 -17.37 -9.24 -1.12
N GLU A 63 -17.00 -7.98 -1.04
CA GLU A 63 -16.25 -7.38 -2.16
C GLU A 63 -14.90 -8.05 -2.41
N ASP A 64 -14.32 -8.72 -1.43
CA ASP A 64 -13.13 -9.53 -1.66
C ASP A 64 -13.40 -10.65 -2.63
N VAL A 65 -14.29 -11.56 -2.28
CA VAL A 65 -14.54 -12.75 -3.12
C VAL A 65 -15.05 -12.39 -4.51
N ILE A 66 -15.61 -11.20 -4.67
CA ILE A 66 -15.93 -10.71 -6.00
C ILE A 66 -14.66 -10.39 -6.83
N SER A 67 -13.73 -9.60 -6.29
CA SER A 67 -12.51 -9.25 -7.02
C SER A 67 -11.72 -10.49 -7.28
N LEU A 68 -12.16 -11.62 -6.72
CA LEU A 68 -11.62 -12.90 -7.05
C LEU A 68 -12.35 -13.56 -8.22
N TRP A 69 -13.66 -13.55 -8.26
CA TRP A 69 -14.28 -14.31 -9.32
C TRP A 69 -13.97 -13.79 -10.71
N ASP A 70 -14.41 -12.59 -11.03
CA ASP A 70 -14.13 -11.97 -12.34
C ASP A 70 -12.70 -11.44 -12.36
N GLN A 71 -11.77 -12.32 -12.66
CA GLN A 71 -10.34 -12.04 -12.65
C GLN A 71 -9.57 -13.35 -12.59
N TRP A 72 -10.19 -14.40 -12.08
CA TRP A 72 -9.56 -15.72 -12.06
C TRP A 72 -10.63 -16.79 -12.24
N LEU A 73 -11.53 -16.46 -13.14
CA LEU A 73 -12.65 -17.28 -13.55
C LEU A 73 -13.22 -16.35 -14.64
N GLN A 74 -12.36 -16.17 -15.65
CA GLN A 74 -12.69 -15.46 -16.85
C GLN A 74 -13.93 -16.14 -17.52
N PRO A 75 -14.91 -15.33 -17.98
CA PRO A 75 -16.09 -15.90 -18.71
C PRO A 75 -15.96 -16.15 -20.23
N CYS A 76 -16.47 -17.30 -20.71
CA CYS A 76 -16.57 -17.57 -22.17
C CYS A 76 -17.57 -16.65 -22.90
N VAL A 77 -17.27 -15.35 -22.94
CA VAL A 77 -18.23 -14.28 -23.30
C VAL A 77 -19.18 -14.04 -22.12
N LYS A 86 -15.23 -13.97 -27.04
CA LYS A 86 -14.87 -14.44 -25.70
C LYS A 86 -13.51 -13.84 -25.29
N GLN A 87 -13.45 -13.26 -24.09
CA GLN A 87 -12.18 -12.65 -23.56
C GLN A 87 -11.02 -13.68 -23.54
N ALA A 88 -11.39 -14.97 -23.61
CA ALA A 88 -10.57 -16.22 -23.74
C ALA A 88 -10.70 -17.08 -22.44
N CYS A 89 -11.06 -18.38 -22.55
CA CYS A 89 -11.31 -19.19 -21.33
C CYS A 89 -10.15 -20.03 -20.81
N PRO A 90 -8.97 -19.42 -20.53
CA PRO A 90 -8.03 -20.06 -19.62
C PRO A 90 -8.72 -20.74 -18.42
N LYS A 91 -8.36 -21.99 -18.15
CA LYS A 91 -8.88 -22.79 -17.05
C LYS A 91 -7.76 -23.08 -16.07
N ILE A 92 -7.94 -22.77 -14.79
CA ILE A 92 -6.88 -23.10 -13.85
C ILE A 92 -7.38 -23.32 -12.44
N SER A 93 -6.55 -24.06 -11.69
CA SER A 93 -6.72 -24.54 -10.29
C SER A 93 -7.65 -23.72 -9.45
N PHE A 94 -8.53 -24.41 -8.72
CA PHE A 94 -9.56 -23.75 -7.94
C PHE A 94 -9.99 -24.61 -6.77
N ASP A 95 -9.41 -24.29 -5.59
CA ASP A 95 -9.80 -24.80 -4.28
C ASP A 95 -9.61 -23.69 -3.23
N PRO A 96 -10.71 -23.17 -2.65
CA PRO A 96 -10.59 -22.06 -1.70
C PRO A 96 -9.61 -22.33 -0.57
N ILE A 97 -8.90 -21.29 -0.16
CA ILE A 97 -7.97 -21.42 0.93
C ILE A 97 -8.53 -20.58 2.06
N PRO A 98 -8.16 -20.91 3.32
CA PRO A 98 -8.74 -20.14 4.41
C PRO A 98 -8.11 -18.75 4.44
N ILE A 99 -8.95 -17.73 4.57
CA ILE A 99 -8.51 -16.34 4.65
C ILE A 99 -8.87 -15.86 6.05
N HIS A 100 -7.94 -15.17 6.70
CA HIS A 100 -8.16 -14.52 7.97
C HIS A 100 -8.32 -13.02 7.70
N TYR A 101 -9.28 -12.37 8.36
CA TYR A 101 -9.40 -10.92 8.35
C TYR A 101 -9.03 -10.37 9.72
N CYS A 102 -8.27 -9.27 9.70
CA CYS A 102 -7.51 -8.78 10.84
C CYS A 102 -7.73 -7.27 11.03
N THR A 103 -7.13 -6.70 12.06
CA THR A 103 -7.41 -5.31 12.33
C THR A 103 -6.13 -4.54 12.18
N PRO A 104 -6.20 -3.34 11.59
CA PRO A 104 -5.03 -2.46 11.53
C PRO A 104 -4.82 -1.77 12.84
N ALA A 105 -3.62 -1.24 13.02
CA ALA A 105 -3.25 -0.55 14.25
C ALA A 105 -4.37 0.38 14.74
N GLY A 106 -4.73 0.21 16.02
CA GLY A 106 -5.63 1.09 16.72
C GLY A 106 -7.04 0.64 16.69
N TYR A 107 -7.28 -0.55 16.12
CA TYR A 107 -8.61 -1.17 16.12
C TYR A 107 -8.43 -2.60 16.57
N VAL A 108 -9.45 -3.17 17.18
CA VAL A 108 -9.39 -4.53 17.63
C VAL A 108 -10.62 -5.29 17.16
N ILE A 109 -10.55 -6.62 17.23
CA ILE A 109 -11.71 -7.48 17.02
C ILE A 109 -12.10 -8.08 18.34
N LEU A 110 -13.41 -8.00 18.62
CA LEU A 110 -14.03 -8.67 19.77
C LEU A 110 -14.71 -9.96 19.31
N LYS A 111 -14.21 -11.09 19.81
CA LYS A 111 -14.77 -12.39 19.52
C LYS A 111 -15.80 -12.69 20.56
N CYS A 112 -16.71 -13.59 20.21
CA CYS A 112 -17.68 -14.07 21.14
C CYS A 112 -17.62 -15.54 21.43
N ASN A 113 -17.74 -15.88 22.72
CA ASN A 113 -17.69 -17.26 23.17
C ASN A 113 -18.88 -17.52 24.05
N ASP A 114 -20.05 -17.69 23.43
CA ASP A 114 -21.28 -18.09 24.13
C ASP A 114 -21.84 -19.37 23.55
N LYS A 115 -21.04 -20.06 22.73
CA LYS A 115 -21.42 -21.32 22.09
C LYS A 115 -22.81 -21.28 21.47
N ASN A 116 -23.84 -21.14 22.30
CA ASN A 116 -25.23 -21.00 21.84
C ASN A 116 -25.68 -19.55 21.85
N PHE A 117 -25.13 -18.80 20.90
CA PHE A 117 -25.29 -17.37 20.81
C PHE A 117 -25.77 -17.06 19.42
N ASN A 118 -26.99 -16.59 19.30
CA ASN A 118 -27.49 -16.12 18.03
C ASN A 118 -26.85 -14.77 17.79
N GLY A 119 -26.15 -14.59 16.68
CA GLY A 119 -25.23 -13.45 16.55
C GLY A 119 -25.86 -12.09 16.69
N THR A 120 -26.51 -11.82 17.82
CA THR A 120 -27.20 -10.56 18.07
C THR A 120 -27.45 -10.41 19.55
N GLY A 121 -27.20 -9.21 20.06
CA GLY A 121 -27.48 -8.92 21.45
C GLY A 121 -26.24 -9.01 22.30
N PRO A 122 -26.41 -9.29 23.61
CA PRO A 122 -25.27 -9.26 24.51
C PRO A 122 -24.57 -10.60 24.60
N CYS A 123 -23.27 -10.58 24.92
CA CYS A 123 -22.50 -11.82 24.85
C CYS A 123 -21.88 -12.29 26.16
N LYS A 124 -21.05 -11.48 26.78
CA LYS A 124 -20.52 -11.79 28.12
C LYS A 124 -19.19 -12.53 28.14
N ASN A 125 -18.97 -13.55 27.32
CA ASN A 125 -17.65 -14.18 27.35
C ASN A 125 -16.88 -13.67 26.15
N VAL A 126 -16.55 -12.39 26.23
CA VAL A 126 -15.95 -11.67 25.13
C VAL A 126 -14.44 -11.74 25.26
N SER A 127 -13.75 -12.19 24.22
CA SER A 127 -12.28 -12.09 24.15
C SER A 127 -11.83 -11.13 23.02
N SER A 128 -10.54 -10.80 23.01
CA SER A 128 -9.92 -9.94 21.97
C SER A 128 -8.98 -10.77 21.13
N VAL A 129 -9.40 -11.04 19.90
CA VAL A 129 -8.56 -11.75 18.93
C VAL A 129 -8.00 -10.74 17.93
N GLN A 130 -6.80 -11.02 17.45
CA GLN A 130 -6.21 -10.19 16.45
C GLN A 130 -6.81 -10.46 15.09
N CYS A 131 -7.14 -11.72 14.81
CA CYS A 131 -7.71 -12.14 13.51
C CYS A 131 -8.82 -13.14 13.70
N THR A 132 -9.58 -13.29 12.66
CA THR A 132 -10.61 -14.31 12.64
C THR A 132 -9.96 -15.61 12.20
N HIS A 133 -10.60 -16.72 12.52
CA HIS A 133 -10.04 -18.02 12.16
C HIS A 133 -9.90 -18.07 10.68
N GLY A 134 -9.28 -19.13 10.19
CA GLY A 134 -9.20 -19.39 8.72
C GLY A 134 -10.55 -19.69 8.06
N ILE A 135 -11.09 -18.73 7.30
CA ILE A 135 -12.40 -18.84 6.66
C ILE A 135 -12.23 -18.92 5.16
N LYS A 136 -12.83 -19.95 4.60
CA LYS A 136 -12.72 -20.17 3.20
C LYS A 136 -13.88 -19.53 2.51
N PRO A 137 -13.64 -18.90 1.40
CA PRO A 137 -14.71 -18.15 0.79
C PRO A 137 -15.59 -19.04 -0.12
N VAL A 138 -16.36 -19.96 0.49
CA VAL A 138 -16.99 -21.05 -0.26
C VAL A 138 -18.39 -20.65 -0.68
N VAL A 139 -18.57 -20.40 -1.99
CA VAL A 139 -19.79 -19.81 -2.52
C VAL A 139 -20.76 -20.93 -2.82
N SER A 140 -21.93 -20.87 -2.20
CA SER A 140 -22.97 -21.85 -2.47
C SER A 140 -24.33 -21.39 -1.98
N THR A 141 -25.31 -22.23 -2.28
CA THR A 141 -26.69 -22.04 -1.92
C THR A 141 -27.20 -23.25 -1.15
N GLN A 142 -28.36 -23.12 -0.44
CA GLN A 142 -29.02 -24.26 0.14
C GLN A 142 -28.26 -24.76 1.40
N LEU A 143 -27.07 -25.34 1.15
CA LEU A 143 -26.15 -25.79 2.16
C LEU A 143 -24.96 -24.84 2.24
N LEU A 144 -24.37 -24.74 3.43
CA LEU A 144 -23.12 -24.05 3.64
C LEU A 144 -22.04 -25.11 3.73
N LEU A 145 -21.00 -24.99 2.92
CA LEU A 145 -20.05 -26.06 2.77
C LEU A 145 -18.72 -25.73 3.37
N ASN A 146 -17.89 -26.78 3.41
CA ASN A 146 -16.67 -26.98 4.21
C ASN A 146 -16.26 -25.76 5.11
N GLY A 147 -17.23 -25.33 5.92
CA GLY A 147 -17.09 -24.24 6.89
C GLY A 147 -16.79 -24.71 8.30
N SER A 148 -17.00 -23.83 9.28
CA SER A 148 -16.76 -24.12 10.71
C SER A 148 -17.98 -24.83 11.30
N LEU A 149 -18.13 -24.88 12.61
CA LEU A 149 -19.18 -25.69 13.17
C LEU A 149 -19.59 -25.17 14.54
N ALA A 150 -20.90 -25.26 14.84
CA ALA A 150 -21.40 -24.80 16.11
C ALA A 150 -20.80 -25.67 17.20
N GLU A 151 -20.71 -25.15 18.41
CA GLU A 151 -19.86 -25.80 19.43
C GLU A 151 -20.63 -26.58 20.48
N GLU A 152 -21.91 -26.32 20.64
CA GLU A 152 -22.67 -27.12 21.56
C GLU A 152 -23.86 -27.71 20.84
N GLU A 153 -25.06 -27.23 21.14
CA GLU A 153 -26.23 -27.61 20.38
C GLU A 153 -26.12 -26.97 19.00
N ILE A 154 -27.26 -26.83 18.33
CA ILE A 154 -27.39 -26.22 17.02
C ILE A 154 -28.02 -24.84 17.23
N ILE A 155 -27.59 -23.88 16.42
CA ILE A 155 -28.04 -22.52 16.59
C ILE A 155 -28.73 -22.01 15.34
N ILE A 156 -29.82 -21.30 15.58
CA ILE A 156 -30.73 -20.86 14.56
C ILE A 156 -30.58 -19.34 14.48
N ARG A 157 -29.71 -18.94 13.58
CA ARG A 157 -29.50 -17.53 13.31
C ARG A 157 -30.63 -17.01 12.40
N SER A 158 -31.13 -15.82 12.72
CA SER A 158 -31.99 -15.01 11.84
C SER A 158 -32.19 -13.62 12.39
N GLU A 159 -32.36 -12.68 11.46
CA GLU A 159 -32.40 -11.28 11.80
C GLU A 159 -33.70 -10.90 12.54
N ASN A 160 -34.75 -11.72 12.46
CA ASN A 160 -36.04 -11.43 13.11
C ASN A 160 -36.99 -12.50 12.60
N LEU A 161 -37.03 -13.62 13.30
CA LEU A 161 -37.71 -14.85 12.81
C LEU A 161 -39.18 -14.69 12.58
N THR A 162 -39.80 -13.80 13.33
CA THR A 162 -41.19 -13.51 13.08
C THR A 162 -41.45 -12.99 11.65
N ASN A 163 -40.39 -12.61 10.94
CA ASN A 163 -40.50 -12.15 9.57
C ASN A 163 -40.07 -13.27 8.63
N ASN A 164 -41.05 -14.04 8.20
CA ASN A 164 -40.89 -15.05 7.15
C ASN A 164 -40.00 -14.58 5.99
N ALA A 165 -39.91 -13.25 5.79
CA ALA A 165 -39.05 -12.64 4.78
C ALA A 165 -37.55 -12.79 5.01
N LYS A 166 -37.14 -13.10 6.24
CA LYS A 166 -35.71 -13.22 6.57
C LYS A 166 -35.14 -14.62 6.43
N THR A 167 -34.10 -14.75 5.61
CA THR A 167 -33.24 -15.92 5.55
C THR A 167 -32.91 -16.50 6.92
N ILE A 168 -32.79 -17.82 6.98
CA ILE A 168 -32.50 -18.48 8.25
C ILE A 168 -31.33 -19.45 8.18
N ILE A 169 -30.24 -19.10 8.87
CA ILE A 169 -29.01 -19.88 8.87
C ILE A 169 -29.03 -20.81 10.06
N VAL A 170 -28.82 -22.11 9.80
CA VAL A 170 -28.61 -23.03 10.89
C VAL A 170 -27.19 -23.47 10.80
N HIS A 171 -26.56 -23.59 11.97
CA HIS A 171 -25.15 -23.92 12.13
C HIS A 171 -25.18 -25.31 12.73
N LEU A 172 -24.83 -26.32 11.95
CA LEU A 172 -24.90 -27.68 12.47
C LEU A 172 -23.86 -27.88 13.57
N ASN A 173 -24.20 -28.75 14.51
CA ASN A 173 -23.28 -29.10 15.58
C ASN A 173 -22.57 -30.41 15.27
N LYS A 174 -23.01 -31.08 14.23
CA LYS A 174 -22.42 -32.33 13.82
C LYS A 174 -22.25 -32.15 12.35
N SER A 175 -21.21 -32.75 11.81
CA SER A 175 -20.92 -32.59 10.39
C SER A 175 -21.08 -33.88 9.61
N VAL A 176 -21.89 -33.83 8.55
CA VAL A 176 -22.07 -34.96 7.65
C VAL A 176 -21.69 -34.56 6.24
N GLU A 177 -21.17 -35.54 5.50
CA GLU A 177 -20.39 -35.29 4.30
C GLU A 177 -21.21 -35.26 3.00
N ILE A 178 -20.66 -34.60 1.97
CA ILE A 178 -21.17 -34.70 0.58
C ILE A 178 -20.07 -35.01 -0.44
N ASN A 179 -20.05 -36.25 -0.94
CA ASN A 179 -19.18 -36.69 -2.03
C ASN A 179 -19.90 -36.29 -3.32
N CYS A 180 -19.32 -35.34 -4.04
CA CYS A 180 -19.87 -34.78 -5.29
C CYS A 180 -18.90 -35.04 -6.43
N THR A 181 -19.38 -35.74 -7.46
CA THR A 181 -18.53 -36.25 -8.55
C THR A 181 -19.06 -35.90 -9.96
N ARG A 182 -18.16 -35.98 -10.94
CA ARG A 182 -18.55 -36.27 -12.32
C ARG A 182 -17.48 -37.19 -13.00
N PRO A 183 -17.92 -38.22 -13.76
CA PRO A 183 -16.99 -39.16 -14.41
C PRO A 183 -16.19 -38.72 -15.67
N SER A 184 -15.84 -39.68 -16.52
CA SER A 184 -14.85 -39.44 -17.58
C SER A 184 -14.99 -40.46 -18.73
N ASP A 193 -23.27 -38.54 -21.26
CA ASP A 193 -23.73 -37.19 -20.97
C ASP A 193 -22.66 -36.36 -20.22
N ILE A 194 -21.71 -35.80 -20.98
CA ILE A 194 -20.49 -35.12 -20.47
C ILE A 194 -20.75 -34.08 -19.36
N ARG A 195 -22.02 -33.96 -18.95
CA ARG A 195 -22.41 -33.08 -17.87
C ARG A 195 -23.17 -33.71 -16.71
N LYS A 196 -23.55 -34.98 -16.81
CA LYS A 196 -24.21 -35.67 -15.72
C LYS A 196 -23.21 -35.76 -14.60
N ALA A 197 -23.69 -35.48 -13.39
CA ALA A 197 -22.85 -35.50 -12.20
C ALA A 197 -23.73 -36.06 -11.12
N TYR A 198 -23.24 -36.14 -9.89
CA TYR A 198 -24.07 -36.60 -8.78
C TYR A 198 -23.39 -36.47 -7.46
N CYS A 199 -24.19 -36.13 -6.45
CA CYS A 199 -23.70 -35.86 -5.10
C CYS A 199 -24.21 -36.95 -4.11
N GLU A 200 -23.28 -37.58 -3.36
CA GLU A 200 -23.52 -38.79 -2.54
C GLU A 200 -23.43 -38.44 -1.08
N ILE A 201 -24.52 -38.68 -0.36
CA ILE A 201 -24.60 -38.39 1.07
C ILE A 201 -25.18 -39.61 1.78
N ASN A 202 -24.67 -39.86 2.97
CA ASN A 202 -25.10 -40.98 3.80
C ASN A 202 -26.35 -40.55 4.55
N GLY A 203 -27.49 -41.04 4.10
CA GLY A 203 -28.80 -40.66 4.66
C GLY A 203 -29.07 -41.07 6.08
N THR A 204 -28.73 -42.31 6.46
CA THR A 204 -28.66 -42.72 7.87
C THR A 204 -28.38 -41.50 8.77
N LYS A 205 -27.26 -40.86 8.43
CA LYS A 205 -26.56 -39.89 9.24
C LYS A 205 -27.18 -38.52 9.14
N TRP A 206 -27.54 -38.18 7.91
CA TRP A 206 -28.07 -36.88 7.58
C TRP A 206 -29.53 -36.73 8.02
N ASN A 207 -30.25 -37.83 8.16
CA ASN A 207 -31.61 -37.71 8.65
C ASN A 207 -31.63 -37.49 10.14
N LYS A 208 -30.64 -37.99 10.87
CA LYS A 208 -30.63 -37.78 12.31
C LYS A 208 -30.34 -36.31 12.63
N VAL A 209 -29.57 -35.63 11.78
CA VAL A 209 -29.27 -34.21 12.02
C VAL A 209 -30.48 -33.33 11.77
N LEU A 210 -31.08 -33.44 10.61
CA LEU A 210 -32.23 -32.64 10.31
C LEU A 210 -33.35 -32.95 11.34
N LYS A 211 -33.52 -34.22 11.69
CA LYS A 211 -34.41 -34.55 12.81
C LYS A 211 -33.98 -33.70 14.01
N GLN A 212 -32.70 -33.84 14.38
CA GLN A 212 -32.12 -33.01 15.44
C GLN A 212 -32.37 -31.53 15.19
N VAL A 213 -32.46 -31.14 13.92
CA VAL A 213 -32.79 -29.78 13.54
C VAL A 213 -34.22 -29.53 14.00
N THR A 214 -35.20 -29.80 13.15
CA THR A 214 -36.64 -29.81 13.48
C THR A 214 -36.94 -29.75 14.97
N GLU A 215 -36.36 -30.68 15.72
CA GLU A 215 -36.33 -30.61 17.16
C GLU A 215 -35.91 -29.21 17.68
N LYS A 216 -34.78 -28.69 17.19
CA LYS A 216 -34.28 -27.36 17.55
C LYS A 216 -35.07 -26.21 16.97
N LEU A 217 -35.90 -26.47 15.97
CA LEU A 217 -36.77 -25.41 15.42
C LEU A 217 -38.08 -25.32 16.19
N LYS A 218 -38.54 -26.46 16.69
CA LYS A 218 -39.68 -26.49 17.55
C LYS A 218 -39.44 -25.67 18.81
N GLU A 219 -38.22 -25.74 19.34
CA GLU A 219 -37.84 -24.83 20.44
C GLU A 219 -38.14 -23.38 20.09
N HIS A 220 -37.62 -22.96 18.97
CA HIS A 220 -37.92 -21.65 18.45
C HIS A 220 -39.37 -21.53 17.89
N PHE A 221 -40.08 -22.64 17.68
CA PHE A 221 -41.45 -22.58 17.10
C PHE A 221 -42.58 -23.25 17.88
N ASN A 222 -42.83 -22.70 19.06
CA ASN A 222 -43.90 -23.15 19.91
C ASN A 222 -44.27 -24.63 19.81
N ASN A 223 -43.27 -25.53 19.78
CA ASN A 223 -43.53 -26.96 19.60
C ASN A 223 -44.46 -27.22 18.39
N LYS A 224 -44.70 -26.26 17.55
CA LYS A 224 -45.43 -26.28 16.26
C LYS A 224 -44.82 -27.40 15.41
N THR A 225 -45.55 -27.99 14.49
CA THR A 225 -44.91 -29.08 13.75
C THR A 225 -44.19 -28.53 12.52
N ILE A 226 -43.06 -29.16 12.21
CA ILE A 226 -42.08 -28.60 11.29
C ILE A 226 -42.00 -29.51 10.10
N ILE A 227 -42.11 -28.91 8.91
CA ILE A 227 -42.04 -29.68 7.66
C ILE A 227 -41.01 -29.09 6.69
N PHE A 228 -40.60 -29.89 5.72
CA PHE A 228 -39.66 -29.48 4.69
C PHE A 228 -40.20 -29.77 3.32
N GLN A 229 -39.89 -28.85 2.41
CA GLN A 229 -40.31 -28.96 1.03
C GLN A 229 -39.31 -28.25 0.12
N PRO A 230 -39.25 -28.68 -1.14
CA PRO A 230 -38.42 -28.01 -2.14
C PRO A 230 -38.67 -26.50 -2.17
N PRO A 231 -37.78 -25.71 -2.79
CA PRO A 231 -38.08 -24.29 -2.89
C PRO A 231 -39.31 -24.09 -3.77
N SER A 232 -40.06 -23.04 -3.47
CA SER A 232 -41.33 -22.81 -4.17
C SER A 232 -41.18 -22.43 -5.63
N GLY A 233 -40.02 -21.86 -5.97
CA GLY A 233 -39.75 -21.33 -7.29
C GLY A 233 -38.72 -20.21 -7.20
N GLY A 234 -37.85 -20.13 -8.20
CA GLY A 234 -36.83 -19.08 -8.30
C GLY A 234 -35.92 -19.38 -9.47
N ASP A 235 -34.73 -18.79 -9.48
CA ASP A 235 -33.71 -19.25 -10.44
C ASP A 235 -33.14 -20.58 -9.95
N LEU A 236 -32.63 -21.36 -10.89
CA LEU A 236 -32.08 -22.68 -10.56
C LEU A 236 -31.11 -22.64 -9.36
N GLU A 237 -30.15 -21.73 -9.46
CA GLU A 237 -29.11 -21.50 -8.45
C GLU A 237 -29.62 -21.60 -7.02
N ILE A 238 -30.80 -21.08 -6.74
CA ILE A 238 -31.40 -21.09 -5.40
C ILE A 238 -32.56 -22.09 -5.25
N THR A 239 -32.94 -22.68 -6.38
CA THR A 239 -33.82 -23.80 -6.42
C THR A 239 -33.04 -25.10 -6.26
N MET A 240 -31.74 -25.06 -6.48
CA MET A 240 -30.90 -26.23 -6.38
C MET A 240 -29.62 -25.89 -5.59
N HIS A 241 -28.83 -26.91 -5.29
CA HIS A 241 -27.62 -26.72 -4.51
C HIS A 241 -26.46 -26.29 -5.41
N SER A 242 -26.40 -25.01 -5.70
CA SER A 242 -25.35 -24.49 -6.61
C SER A 242 -24.07 -24.21 -5.88
N PHE A 243 -22.99 -24.81 -6.36
CA PHE A 243 -21.70 -24.64 -5.75
C PHE A 243 -20.62 -24.76 -6.80
N ASN A 244 -19.36 -24.56 -6.39
CA ASN A 244 -18.20 -24.68 -7.28
C ASN A 244 -17.23 -25.79 -6.84
N CYS A 245 -17.03 -26.76 -7.74
CA CYS A 245 -16.03 -27.84 -7.60
C CYS A 245 -14.96 -27.68 -8.69
N ARG A 246 -13.73 -27.47 -8.23
CA ARG A 246 -12.57 -27.27 -9.09
C ARG A 246 -12.82 -26.47 -10.37
N GLY A 247 -13.75 -25.53 -10.35
CA GLY A 247 -13.98 -24.67 -11.50
C GLY A 247 -15.18 -25.05 -12.34
N GLU A 248 -16.01 -25.96 -11.85
CA GLU A 248 -17.23 -26.32 -12.56
C GLU A 248 -18.40 -26.12 -11.65
N PHE A 249 -19.41 -25.42 -12.17
CA PHE A 249 -20.61 -25.14 -11.38
C PHE A 249 -21.53 -26.35 -11.42
N PHE A 250 -21.90 -26.84 -10.23
CA PHE A 250 -22.85 -27.93 -10.08
C PHE A 250 -24.17 -27.34 -9.66
N TYR A 251 -25.24 -28.01 -10.09
CA TYR A 251 -26.61 -27.69 -9.70
C TYR A 251 -27.34 -28.99 -9.32
N CYS A 252 -27.38 -29.29 -8.01
CA CYS A 252 -28.04 -30.49 -7.51
C CYS A 252 -29.51 -30.38 -7.10
N ASN A 253 -30.31 -31.33 -7.55
CA ASN A 253 -31.67 -31.46 -7.00
C ASN A 253 -31.50 -31.95 -5.57
N THR A 254 -32.23 -31.34 -4.65
CA THR A 254 -32.10 -31.67 -3.22
C THR A 254 -33.34 -32.31 -2.64
N THR A 255 -34.44 -32.31 -3.37
CA THR A 255 -35.68 -32.89 -2.90
C THR A 255 -35.53 -34.14 -2.00
N GLN A 256 -34.53 -34.95 -2.32
CA GLN A 256 -34.22 -36.14 -1.52
C GLN A 256 -33.49 -35.87 -0.19
N LEU A 257 -33.27 -34.60 0.15
CA LEU A 257 -32.60 -34.19 1.39
C LEU A 257 -33.49 -33.60 2.44
N PHE A 258 -34.61 -33.01 2.03
CA PHE A 258 -35.57 -32.43 2.94
C PHE A 258 -36.88 -33.24 2.87
N ASN A 259 -36.73 -34.45 2.30
CA ASN A 259 -37.70 -35.51 2.46
C ASN A 259 -38.10 -35.70 3.88
N ASN A 260 -39.34 -35.38 4.25
CA ASN A 260 -39.85 -35.76 5.59
C ASN A 260 -39.88 -37.30 5.64
N THR A 261 -41.03 -37.90 5.93
CA THR A 261 -41.19 -39.36 6.00
C THR A 261 -39.88 -40.15 6.27
N CYS A 262 -38.94 -40.16 5.30
CA CYS A 262 -37.59 -40.72 5.52
C CYS A 262 -36.96 -39.94 6.69
N ILE A 263 -37.06 -40.50 7.91
CA ILE A 263 -36.74 -39.81 9.19
C ILE A 263 -37.38 -40.55 10.40
N LYS A 269 -39.74 -42.79 11.33
CA LYS A 269 -40.53 -43.82 10.67
C LYS A 269 -39.68 -45.07 10.29
N GLY A 270 -39.36 -45.23 9.00
CA GLY A 270 -38.87 -46.50 8.47
C GLY A 270 -38.64 -46.25 7.00
N CYS A 271 -37.37 -46.21 6.61
CA CYS A 271 -36.91 -45.25 5.60
C CYS A 271 -35.97 -45.88 4.57
N ASN A 272 -34.67 -45.50 4.59
CA ASN A 272 -33.58 -46.06 3.76
C ASN A 272 -32.20 -45.49 4.17
N GLY A 273 -31.15 -46.08 3.61
CA GLY A 273 -29.76 -45.80 3.98
C GLY A 273 -29.19 -44.60 3.28
N THR A 274 -28.39 -44.79 2.21
CA THR A 274 -27.73 -43.72 1.43
C THR A 274 -28.71 -42.74 0.77
N ILE A 275 -28.16 -41.81 0.00
CA ILE A 275 -28.92 -40.86 -0.82
C ILE A 275 -28.02 -40.52 -2.00
N THR A 276 -28.59 -40.34 -3.18
CA THR A 276 -27.82 -39.87 -4.34
C THR A 276 -28.47 -38.65 -4.97
N LEU A 277 -27.69 -37.67 -5.37
CA LEU A 277 -28.30 -36.46 -5.87
C LEU A 277 -28.00 -36.27 -7.35
N PRO A 278 -29.00 -35.84 -8.14
CA PRO A 278 -28.84 -35.65 -9.58
C PRO A 278 -27.71 -34.72 -9.96
N CYS A 279 -27.85 -33.41 -9.81
CA CYS A 279 -26.74 -32.52 -10.13
C CYS A 279 -26.27 -32.56 -11.57
N LYS A 280 -26.34 -31.39 -12.21
CA LYS A 280 -25.92 -31.24 -13.60
C LYS A 280 -24.92 -30.10 -13.67
N ILE A 281 -23.71 -30.39 -14.16
CA ILE A 281 -22.74 -29.35 -14.41
C ILE A 281 -23.36 -28.42 -15.45
N LYS A 282 -22.91 -27.17 -15.47
CA LYS A 282 -23.53 -26.14 -16.26
C LYS A 282 -22.52 -25.10 -16.68
N GLN A 283 -22.49 -24.87 -17.99
CA GLN A 283 -21.72 -23.80 -18.57
C GLN A 283 -22.49 -22.47 -18.48
N ILE A 284 -23.77 -22.46 -18.85
CA ILE A 284 -24.56 -21.23 -18.83
C ILE A 284 -25.15 -21.03 -17.43
N ILE A 285 -24.93 -19.84 -16.87
CA ILE A 285 -25.29 -19.54 -15.47
C ILE A 285 -25.62 -18.04 -15.23
N ASN A 286 -26.23 -17.77 -14.08
CA ASN A 286 -26.53 -16.40 -13.62
C ASN A 286 -25.43 -15.86 -12.70
N MET A 287 -25.05 -14.60 -12.91
CA MET A 287 -23.92 -13.99 -12.16
C MET A 287 -24.35 -13.59 -10.75
N TRP A 288 -23.38 -13.62 -9.85
CA TRP A 288 -23.52 -13.04 -8.51
C TRP A 288 -22.50 -11.95 -8.14
N GLN A 289 -21.44 -11.77 -8.93
CA GLN A 289 -20.63 -10.54 -8.86
C GLN A 289 -21.50 -9.38 -9.38
N GLY A 290 -21.36 -9.02 -10.66
CA GLY A 290 -22.26 -8.06 -11.27
C GLY A 290 -23.64 -8.60 -11.55
N THR A 291 -24.35 -7.86 -12.40
CA THR A 291 -25.67 -8.22 -12.89
C THR A 291 -25.55 -8.48 -14.40
N GLY A 292 -26.18 -9.59 -14.82
CA GLY A 292 -26.04 -10.16 -16.18
C GLY A 292 -25.92 -11.70 -16.18
N GLN A 293 -25.24 -12.22 -17.20
CA GLN A 293 -24.95 -13.67 -17.34
C GLN A 293 -23.56 -13.84 -17.99
N ALA A 294 -23.11 -15.09 -18.16
CA ALA A 294 -21.86 -15.41 -18.88
C ALA A 294 -21.58 -16.93 -18.99
N MET A 295 -21.27 -17.41 -20.19
CA MET A 295 -21.02 -18.84 -20.44
C MET A 295 -19.59 -19.26 -20.08
N TYR A 296 -19.39 -20.56 -19.87
CA TYR A 296 -18.07 -21.14 -19.64
C TYR A 296 -17.86 -22.37 -20.54
N ALA A 297 -16.58 -22.66 -20.79
CA ALA A 297 -16.12 -23.63 -21.81
C ALA A 297 -16.61 -25.06 -21.52
N PRO A 298 -16.31 -26.02 -22.42
CA PRO A 298 -16.50 -27.42 -22.03
C PRO A 298 -15.56 -27.76 -20.86
N PRO A 299 -16.05 -28.49 -19.83
CA PRO A 299 -15.16 -28.90 -18.74
C PRO A 299 -13.99 -29.82 -19.16
N ILE A 300 -13.45 -30.55 -18.20
CA ILE A 300 -12.32 -31.44 -18.40
C ILE A 300 -12.92 -32.81 -18.43
N ASP A 301 -12.71 -33.63 -19.44
CA ASP A 301 -13.32 -34.91 -19.19
C ASP A 301 -12.48 -35.84 -18.30
N GLY A 302 -11.54 -35.36 -17.47
CA GLY A 302 -11.11 -36.14 -16.31
C GLY A 302 -12.25 -36.32 -15.30
N LYS A 303 -11.92 -36.66 -14.06
CA LYS A 303 -12.94 -36.76 -13.03
C LYS A 303 -12.84 -35.60 -12.07
N ILE A 304 -13.95 -35.33 -11.41
CA ILE A 304 -14.07 -34.27 -10.42
C ILE A 304 -14.73 -34.85 -9.19
N ASN A 305 -14.24 -34.49 -8.00
CA ASN A 305 -14.77 -35.05 -6.75
C ASN A 305 -14.43 -34.21 -5.52
N CYS A 306 -15.31 -33.26 -5.21
CA CYS A 306 -15.20 -32.50 -3.98
C CYS A 306 -16.03 -33.14 -2.89
N VAL A 307 -15.32 -33.65 -1.87
CA VAL A 307 -15.88 -34.15 -0.63
C VAL A 307 -16.00 -32.93 0.25
N SER A 308 -17.21 -32.64 0.71
CA SER A 308 -17.43 -31.43 1.48
C SER A 308 -18.18 -31.79 2.77
N ASN A 309 -18.15 -30.85 3.70
CA ASN A 309 -18.79 -30.98 4.97
C ASN A 309 -19.95 -29.95 5.02
N ILE A 310 -21.18 -30.43 5.03
CA ILE A 310 -22.29 -29.51 5.26
C ILE A 310 -22.21 -29.13 6.73
N THR A 311 -21.79 -27.92 6.99
CA THR A 311 -21.66 -27.41 8.34
C THR A 311 -22.90 -26.68 8.75
N GLY A 312 -23.72 -26.26 7.80
CA GLY A 312 -24.88 -25.43 8.09
C GLY A 312 -25.74 -25.31 6.88
N ILE A 313 -27.06 -25.12 7.05
CA ILE A 313 -28.00 -25.01 5.91
C ILE A 313 -28.77 -23.69 5.99
N LEU A 314 -29.26 -23.25 4.83
CA LEU A 314 -29.90 -21.95 4.67
C LEU A 314 -31.31 -22.16 4.25
N LEU A 315 -32.27 -21.61 4.97
CA LEU A 315 -33.68 -21.79 4.60
C LEU A 315 -34.49 -20.52 4.73
N THR A 316 -35.71 -20.64 4.23
CA THR A 316 -36.72 -19.62 4.29
C THR A 316 -37.98 -20.27 4.82
N ARG A 317 -38.76 -19.49 5.55
CA ARG A 317 -39.95 -19.98 6.21
C ARG A 317 -41.18 -19.51 5.43
N ASP A 318 -42.04 -20.44 5.01
CA ASP A 318 -43.29 -20.05 4.35
C ASP A 318 -44.08 -19.10 5.22
N GLY A 319 -44.27 -19.47 6.50
CA GLY A 319 -44.94 -18.60 7.50
C GLY A 319 -46.28 -17.99 7.16
N GLY A 320 -46.31 -17.28 6.02
CA GLY A 320 -47.51 -16.98 5.23
C GLY A 320 -48.89 -17.32 5.78
N ALA A 321 -49.08 -18.52 6.33
CA ALA A 321 -50.28 -18.76 7.13
C ALA A 321 -50.14 -17.96 8.44
N ASN A 322 -50.13 -18.59 9.62
CA ASN A 322 -49.63 -17.86 10.80
C ASN A 322 -49.15 -18.49 12.13
N ASN A 323 -49.91 -19.29 12.87
CA ASN A 323 -51.13 -20.04 12.48
C ASN A 323 -50.81 -21.01 11.35
N THR A 324 -51.85 -21.52 10.68
CA THR A 324 -51.96 -22.89 10.15
C THR A 324 -51.56 -24.03 11.06
N SER A 325 -51.58 -23.86 12.38
CA SER A 325 -51.11 -24.92 13.28
C SER A 325 -49.61 -25.20 13.18
N ASN A 326 -48.97 -25.00 12.02
CA ASN A 326 -47.60 -25.45 11.78
C ASN A 326 -46.79 -24.41 11.04
N GLU A 327 -45.51 -24.73 10.79
CA GLU A 327 -44.60 -23.89 10.00
C GLU A 327 -43.87 -24.72 8.93
N THR A 328 -43.64 -24.05 7.79
CA THR A 328 -42.96 -24.62 6.64
C THR A 328 -41.60 -23.92 6.43
N PHE A 329 -40.64 -24.71 5.94
CA PHE A 329 -39.26 -24.29 5.66
C PHE A 329 -38.82 -24.90 4.33
N ARG A 330 -38.31 -24.05 3.43
CA ARG A 330 -37.80 -24.49 2.13
C ARG A 330 -36.37 -23.97 2.05
N PRO A 331 -35.46 -24.71 1.38
CA PRO A 331 -34.09 -24.22 1.23
C PRO A 331 -33.99 -22.85 0.56
N GLY A 332 -32.89 -22.16 0.82
CA GLY A 332 -32.70 -20.82 0.32
C GLY A 332 -31.23 -20.58 0.11
N GLY A 333 -30.82 -19.36 0.39
CA GLY A 333 -29.46 -18.90 0.12
C GLY A 333 -29.52 -17.97 -1.05
N GLY A 334 -28.37 -17.69 -1.67
CA GLY A 334 -28.33 -16.75 -2.78
C GLY A 334 -27.76 -15.39 -2.45
N ASN A 335 -28.11 -14.87 -1.28
CA ASN A 335 -27.36 -13.75 -0.73
C ASN A 335 -26.07 -14.33 -0.19
N ILE A 336 -24.96 -14.10 -0.86
CA ILE A 336 -23.71 -14.70 -0.41
C ILE A 336 -23.19 -13.94 0.82
N LYS A 337 -23.52 -12.65 0.95
CA LYS A 337 -23.32 -11.90 2.20
C LYS A 337 -23.64 -12.74 3.43
N ASP A 338 -24.70 -13.55 3.33
CA ASP A 338 -25.09 -14.54 4.34
C ASP A 338 -24.13 -15.71 4.49
N ASN A 339 -23.48 -16.14 3.41
CA ASN A 339 -22.46 -17.20 3.55
C ASN A 339 -21.37 -16.77 4.51
N TRP A 340 -21.11 -15.47 4.55
CA TRP A 340 -20.07 -14.95 5.44
C TRP A 340 -20.61 -14.74 6.82
N ARG A 341 -21.74 -14.03 6.93
CA ARG A 341 -22.37 -13.82 8.24
C ARG A 341 -22.54 -15.12 8.95
N SER A 342 -22.41 -16.25 8.23
CA SER A 342 -22.40 -17.59 8.81
C SER A 342 -21.11 -17.94 9.55
N GLU A 343 -20.01 -17.23 9.29
CA GLU A 343 -18.75 -17.46 10.00
C GLU A 343 -18.14 -16.23 10.67
N LEU A 344 -18.68 -15.04 10.41
CA LEU A 344 -18.21 -13.75 10.95
C LEU A 344 -19.32 -13.15 11.82
N TYR A 345 -19.97 -14.00 12.58
CA TYR A 345 -21.16 -13.61 13.36
C TYR A 345 -20.75 -13.28 14.79
N LYS A 346 -19.78 -14.05 15.27
CA LYS A 346 -19.15 -13.90 16.57
C LYS A 346 -17.97 -12.91 16.55
N TYR A 347 -17.76 -12.21 15.45
CA TYR A 347 -16.77 -11.18 15.46
C TYR A 347 -17.46 -9.83 15.33
N LYS A 348 -16.69 -8.80 15.68
CA LYS A 348 -17.14 -7.44 15.60
C LYS A 348 -15.91 -6.58 15.78
N VAL A 349 -15.82 -5.49 15.02
CA VAL A 349 -14.64 -4.60 14.99
C VAL A 349 -14.94 -3.38 15.84
N VAL A 350 -13.90 -2.85 16.47
CA VAL A 350 -14.06 -1.76 17.42
C VAL A 350 -12.80 -0.88 17.43
N GLN A 351 -12.99 0.43 17.65
CA GLN A 351 -11.90 1.42 17.65
C GLN A 351 -11.57 1.80 19.09
N ILE A 352 -10.28 2.06 19.40
CA ILE A 352 -9.81 2.15 20.78
C ILE A 352 -9.76 3.55 21.36
N GLU A 353 -8.65 4.25 21.21
CA GLU A 353 -8.38 5.42 22.08
C GLU A 353 -9.30 6.62 21.77
CA MPT B 1 -31.44 -9.11 -8.82
C MPT B 1 -32.36 -8.08 -9.47
O MPT B 1 -32.62 -7.09 -8.74
CB MPT B 1 -32.18 -10.41 -8.53
SG MPT B 1 -33.86 -10.07 -7.95
N ASN B 2 -32.80 -8.20 -10.69
CA ASN B 2 -33.76 -7.16 -11.18
C ASN B 2 -35.12 -7.48 -10.60
N LEU B 3 -35.47 -6.79 -9.52
CA LEU B 3 -36.70 -7.08 -8.77
C LEU B 3 -37.95 -7.04 -9.63
N HIS B 4 -38.32 -5.88 -10.14
CA HIS B 4 -39.58 -5.72 -10.88
C HIS B 4 -39.75 -6.79 -11.95
N PHE B 5 -38.66 -7.15 -12.63
CA PHE B 5 -38.68 -8.28 -13.57
C PHE B 5 -39.00 -9.60 -12.83
N CYS B 6 -38.27 -9.85 -11.76
CA CYS B 6 -38.46 -11.03 -10.91
C CYS B 6 -39.89 -11.14 -10.33
N GLN B 7 -40.46 -10.02 -9.89
CA GLN B 7 -41.85 -9.99 -9.46
C GLN B 7 -42.80 -10.43 -10.58
N LEU B 8 -42.71 -9.74 -11.73
CA LEU B 8 -43.48 -10.12 -12.93
C LEU B 8 -43.26 -11.59 -13.27
N ARG B 9 -42.02 -12.02 -13.18
CA ARG B 9 -41.65 -13.36 -13.61
C ARG B 9 -42.29 -14.47 -12.78
N CYS B 10 -42.36 -14.27 -11.47
CA CYS B 10 -42.93 -15.26 -10.54
C CYS B 10 -44.47 -15.24 -10.55
N LYS B 11 -45.00 -14.03 -10.77
CA LYS B 11 -46.42 -13.78 -10.99
C LYS B 11 -47.05 -14.72 -12.05
N SER B 12 -46.26 -15.20 -13.01
CA SER B 12 -46.68 -16.26 -13.94
C SER B 12 -47.37 -17.44 -13.25
N LEU B 13 -46.74 -17.95 -12.19
CA LEU B 13 -47.25 -19.07 -11.38
C LEU B 13 -48.02 -18.62 -10.13
N GLY B 14 -48.18 -17.30 -9.96
CA GLY B 14 -48.96 -16.72 -8.88
C GLY B 14 -48.22 -16.55 -7.59
N LEU B 15 -46.90 -16.44 -7.69
CA LEU B 15 -46.03 -16.32 -6.54
C LEU B 15 -45.55 -14.88 -6.52
N LEU B 16 -45.16 -14.39 -5.34
CA LEU B 16 -44.48 -13.10 -5.20
C LEU B 16 -42.99 -13.28 -5.48
N GLY B 17 -42.33 -12.16 -5.78
CA GLY B 17 -40.93 -12.14 -6.16
C GLY B 17 -40.09 -11.46 -5.10
N ARG B 18 -38.94 -12.06 -4.83
CA ARG B 18 -37.95 -11.48 -3.93
C ARG B 18 -36.58 -11.75 -4.48
N CYS B 19 -35.68 -10.80 -4.31
CA CYS B 19 -34.29 -11.04 -4.65
C CYS B 19 -33.63 -11.89 -3.57
N ALA B 20 -32.78 -12.82 -4.00
CA ALA B 20 -31.89 -13.57 -3.12
C ALA B 20 -30.47 -13.14 -3.49
N DPR B 21 -30.13 -11.87 -3.19
CA DPR B 21 -28.92 -11.32 -3.78
CB DPR B 21 -28.58 -10.11 -2.91
CG DPR B 21 -29.72 -9.86 -1.95
CD DPR B 21 -30.71 -10.97 -2.21
C DPR B 21 -29.15 -11.00 -5.26
O DPR B 21 -30.12 -10.30 -5.61
N THR B 22 -28.29 -11.52 -6.12
CA THR B 22 -28.39 -11.30 -7.57
C THR B 22 -29.37 -12.25 -8.24
N U2X B 23 -29.98 -13.27 -7.78
C U2X B 23 -32.30 -13.82 -7.82
O U2X B 23 -32.53 -13.67 -6.61
CA U2X B 23 -30.87 -14.32 -8.11
CB U2X B 23 -30.58 -15.59 -7.34
CG U2X B 23 -29.18 -16.12 -7.46
CD1 U2X B 23 -28.54 -16.27 -8.69
CD2 U2X B 23 -28.49 -16.47 -6.29
CE1 U2X B 23 -27.22 -16.77 -8.74
CE2 U2X B 23 -27.17 -16.97 -6.35
CZ U2X B 23 -26.53 -17.14 -7.57
OH U2X B 23 -25.16 -17.64 -7.64
C7 U2X B 23 -24.88 -18.83 -6.89
C1 U2X B 23 -21.66 -20.96 -6.91
C2 U2X B 23 -22.88 -20.21 -6.40
C3 U2X B 23 -23.58 -19.41 -7.47
C4 U2X B 23 -23.91 -20.24 -8.68
C5 U2X B 23 -22.70 -20.99 -9.19
C6 U2X B 23 -21.99 -21.80 -8.12
N CYS B 24 -33.23 -14.46 -8.50
CA CYS B 24 -34.69 -14.22 -8.36
C CYS B 24 -35.34 -15.40 -7.67
N ALA B 25 -36.12 -15.14 -6.62
CA ALA B 25 -36.86 -16.17 -5.93
C ALA B 25 -38.35 -15.90 -5.99
N CYS B 26 -39.13 -16.96 -5.82
CA CYS B 26 -40.58 -16.89 -5.89
C CYS B 26 -41.19 -17.51 -4.62
N VAL B 27 -41.95 -16.71 -3.88
CA VAL B 27 -42.87 -17.18 -2.84
C VAL B 27 -43.92 -16.08 -2.55
N NH2 B 28 -43.80 -15.17 -1.65
N GLU C 1 1.76 11.07 13.55
CA GLU C 1 2.05 9.63 13.72
C GLU C 1 3.04 9.16 12.67
N VAL C 2 3.34 7.87 12.70
CA VAL C 2 4.31 7.18 11.83
C VAL C 2 5.46 8.00 11.26
N GLN C 3 6.61 7.95 11.95
CA GLN C 3 7.84 8.57 11.47
C GLN C 3 8.76 7.49 10.92
N LEU C 4 9.81 7.87 10.17
CA LEU C 4 10.81 6.89 9.74
C LEU C 4 12.17 7.55 9.53
N VAL C 5 13.14 7.17 10.36
CA VAL C 5 14.42 7.84 10.34
C VAL C 5 15.47 6.79 10.01
N GLU C 6 16.32 7.11 9.05
CA GLU C 6 17.39 6.23 8.64
C GLU C 6 18.62 6.66 9.41
N SER C 7 19.49 5.68 9.63
CA SER C 7 20.76 5.87 10.31
C SER C 7 21.75 4.87 9.74
N GLY C 8 23.03 5.14 9.97
CA GLY C 8 24.12 4.23 9.62
C GLY C 8 25.22 4.96 8.89
N PRO C 9 26.37 4.30 8.68
CA PRO C 9 27.47 4.90 7.91
C PRO C 9 27.02 5.71 6.66
N GLY C 10 27.82 6.73 6.32
CA GLY C 10 27.62 7.57 5.15
C GLY C 10 28.75 7.37 4.17
N LEU C 11 29.62 6.39 4.44
CA LEU C 11 30.81 6.12 3.66
C LEU C 11 31.18 4.66 3.78
N VAL C 12 31.22 3.97 2.65
CA VAL C 12 31.52 2.55 2.60
C VAL C 12 32.68 2.40 1.65
N LYS C 13 33.56 1.44 1.92
CA LYS C 13 34.66 1.23 1.00
C LYS C 13 34.30 0.20 -0.05
N PRO C 14 34.82 0.37 -1.25
CA PRO C 14 34.56 -0.67 -2.25
C PRO C 14 34.96 -2.06 -1.74
N SER C 15 34.16 -3.05 -2.12
CA SER C 15 34.21 -4.41 -1.59
C SER C 15 33.57 -4.58 -0.20
N GLN C 16 33.34 -3.48 0.53
CA GLN C 16 32.84 -3.59 1.92
C GLN C 16 31.36 -3.78 1.93
N THR C 17 30.79 -3.69 3.15
CA THR C 17 29.41 -3.98 3.42
C THR C 17 28.77 -2.72 3.91
N LEU C 18 27.66 -2.36 3.27
CA LEU C 18 26.87 -1.19 3.61
C LEU C 18 25.75 -1.67 4.52
N SER C 19 25.41 -0.85 5.51
CA SER C 19 24.48 -1.23 6.55
C SER C 19 23.79 -0.01 7.10
N LEU C 20 22.47 -0.01 7.08
CA LEU C 20 21.68 1.06 7.64
C LEU C 20 20.52 0.45 8.46
N THR C 21 19.75 1.31 9.14
CA THR C 21 18.61 0.86 9.94
C THR C 21 17.51 1.92 9.87
N CYS C 22 16.27 1.48 9.66
CA CYS C 22 15.11 2.32 9.98
C CYS C 22 14.70 2.20 11.40
N THR C 23 14.27 3.31 11.99
CA THR C 23 13.72 3.30 13.33
C THR C 23 12.35 3.90 13.22
N VAL C 24 11.33 3.07 13.48
CA VAL C 24 10.00 3.37 13.02
C VAL C 24 9.42 4.51 13.83
N SER C 25 9.11 4.29 15.09
CA SER C 25 8.47 5.36 15.87
C SER C 25 7.14 5.77 15.21
N GLY C 26 6.26 6.37 15.99
CA GLY C 26 4.83 6.50 15.61
C GLY C 26 4.20 5.12 15.54
N ALA C 27 4.97 4.21 14.91
CA ALA C 27 5.00 2.73 14.99
C ALA C 27 3.62 2.13 15.10
N SER C 28 3.40 0.84 15.38
CA SER C 28 4.38 -0.22 15.63
C SER C 28 4.75 -0.86 14.39
N ILE C 29 5.54 -1.90 14.49
CA ILE C 29 6.17 -2.55 13.37
C ILE C 29 5.74 -3.97 13.18
N SER C 30 4.90 -4.45 14.09
CA SER C 30 4.26 -5.75 14.03
C SER C 30 2.78 -5.59 14.42
N SER C 31 2.19 -4.43 14.09
CA SER C 31 0.78 -4.07 14.34
C SER C 31 -0.13 -4.60 13.21
N GLY C 32 -0.08 -3.95 12.03
CA GLY C 32 -0.69 -4.46 10.80
C GLY C 32 0.04 -5.71 10.33
N GLY C 33 -0.16 -6.13 9.08
CA GLY C 33 -0.97 -5.45 8.10
C GLY C 33 -0.13 -4.60 7.19
N TYR C 34 1.15 -4.36 7.55
CA TYR C 34 2.01 -3.39 6.85
C TYR C 34 3.27 -4.07 6.41
N PHE C 35 3.99 -3.46 5.47
CA PHE C 35 5.33 -3.91 5.04
C PHE C 35 6.34 -2.80 5.22
N TRP C 36 7.61 -3.17 5.40
CA TRP C 36 8.69 -2.19 5.65
C TRP C 36 9.77 -2.32 4.61
N SER C 37 9.92 -1.27 3.80
CA SER C 37 10.71 -1.30 2.55
C SER C 37 11.93 -0.42 2.56
N TRP C 38 12.91 -0.89 1.81
CA TRP C 38 14.12 -0.14 1.55
C TRP C 38 14.18 0.16 0.04
N ILE C 39 14.65 1.37 -0.26
CA ILE C 39 14.59 1.94 -1.60
C ILE C 39 15.83 2.78 -1.76
N ARG C 40 16.44 2.81 -2.94
CA ARG C 40 17.52 3.79 -3.16
C ARG C 40 17.34 4.61 -4.39
N GLN C 41 18.09 5.70 -4.44
CA GLN C 41 18.12 6.61 -5.59
C GLN C 41 19.50 7.20 -5.70
N HIS C 42 20.26 6.81 -6.73
CA HIS C 42 21.57 7.39 -7.00
C HIS C 42 21.37 8.90 -7.15
N PRO C 43 22.42 9.73 -6.94
CA PRO C 43 22.25 11.17 -7.20
C PRO C 43 21.90 11.47 -8.65
N GLY C 44 20.89 12.31 -8.84
CA GLY C 44 20.47 12.73 -10.18
C GLY C 44 19.80 11.67 -11.04
N LYS C 45 20.08 10.39 -10.82
CA LYS C 45 19.37 9.28 -11.48
C LYS C 45 18.00 9.06 -10.81
N GLY C 46 17.42 7.86 -10.98
CA GLY C 46 16.01 7.61 -10.67
C GLY C 46 15.80 6.63 -9.55
N LEU C 47 14.54 6.45 -9.12
CA LEU C 47 14.21 5.59 -7.95
C LEU C 47 14.37 4.12 -8.22
N GLU C 48 14.97 3.42 -7.29
CA GLU C 48 15.14 1.98 -7.40
C GLU C 48 14.64 1.40 -6.13
N TRP C 49 14.16 0.16 -6.22
CA TRP C 49 13.56 -0.55 -5.09
C TRP C 49 14.43 -1.75 -4.73
N ILE C 50 14.67 -1.90 -3.43
CA ILE C 50 15.54 -2.97 -2.96
C ILE C 50 14.73 -4.10 -2.37
N GLY C 51 13.92 -3.80 -1.37
CA GLY C 51 13.27 -4.89 -0.65
C GLY C 51 12.13 -4.47 0.21
N ASN C 52 11.49 -5.47 0.81
CA ASN C 52 10.39 -5.28 1.74
C ASN C 52 10.60 -6.36 2.81
N ILE C 53 10.21 -6.06 4.03
CA ILE C 53 10.17 -7.09 5.04
C ILE C 53 8.91 -6.92 5.83
N TYR C 54 8.31 -8.05 6.18
CA TYR C 54 7.08 -8.09 7.02
C TYR C 54 7.51 -8.39 8.43
N TYR C 55 6.71 -8.00 9.40
CA TYR C 55 7.13 -8.18 10.80
C TYR C 55 7.54 -9.60 11.23
N ILE C 56 7.02 -10.61 10.55
CA ILE C 56 7.50 -11.98 10.78
C ILE C 56 8.82 -12.10 10.01
N GLY C 57 9.23 -13.31 9.60
CA GLY C 57 10.49 -13.47 8.86
C GLY C 57 10.53 -12.80 7.51
N ASN C 58 9.42 -12.95 6.79
CA ASN C 58 9.37 -12.89 5.32
C ASN C 58 9.98 -11.66 4.69
N THR C 59 10.81 -11.90 3.68
CA THR C 59 11.43 -10.83 2.90
C THR C 59 10.90 -10.80 1.45
N TYR C 60 11.00 -9.64 0.83
CA TYR C 60 10.66 -9.46 -0.59
C TYR C 60 11.72 -8.57 -1.19
N TYR C 61 12.57 -9.12 -2.06
CA TYR C 61 13.62 -8.32 -2.66
C TYR C 61 13.56 -8.26 -4.20
N ASN C 62 14.29 -7.24 -4.67
CA ASN C 62 14.62 -7.01 -6.07
C ASN C 62 15.58 -8.12 -6.57
N PRO C 63 15.24 -8.81 -7.66
CA PRO C 63 16.12 -9.84 -8.20
C PRO C 63 17.44 -9.34 -8.76
N SER C 64 17.54 -8.03 -9.01
CA SER C 64 18.78 -7.41 -9.45
C SER C 64 19.82 -7.35 -8.36
N LEU C 65 19.40 -7.44 -7.10
CA LEU C 65 20.31 -7.41 -5.96
C LEU C 65 20.26 -8.64 -5.06
N LYS C 66 19.27 -9.52 -5.22
CA LYS C 66 19.14 -10.76 -4.44
C LYS C 66 20.47 -11.47 -4.03
N SER C 67 21.53 -11.18 -4.76
CA SER C 67 22.79 -11.84 -4.52
C SER C 67 23.67 -11.15 -3.48
N ARG C 68 23.37 -9.91 -3.10
CA ARG C 68 24.12 -9.28 -2.03
C ARG C 68 23.23 -8.62 -1.01
N LEU C 69 22.00 -9.09 -0.86
CA LEU C 69 21.05 -8.34 -0.09
C LEU C 69 20.35 -9.13 1.01
N THR C 70 20.25 -8.50 2.17
CA THR C 70 19.53 -9.06 3.27
C THR C 70 18.77 -7.92 3.96
N ILE C 71 17.59 -8.23 4.50
CA ILE C 71 16.87 -7.30 5.35
C ILE C 71 16.47 -8.10 6.60
N SER C 72 16.38 -7.43 7.74
CA SER C 72 15.96 -8.09 9.00
C SER C 72 15.26 -7.15 9.95
N VAL C 73 14.75 -7.69 11.05
CA VAL C 73 13.93 -6.95 12.01
C VAL C 73 14.40 -7.22 13.45
N ASP C 74 14.83 -6.19 14.18
CA ASP C 74 15.84 -6.34 15.27
C ASP C 74 15.37 -5.96 16.70
N THR C 75 15.80 -4.81 17.27
CA THR C 75 15.44 -4.43 18.69
C THR C 75 13.91 -4.48 18.93
N THR C 76 13.50 -5.39 19.85
CA THR C 76 12.10 -5.76 20.10
C THR C 76 11.32 -5.85 18.78
N GLN C 77 11.99 -6.35 17.76
CA GLN C 77 11.63 -6.07 16.38
C GLN C 77 11.90 -4.61 16.06
N ASN C 78 11.31 -3.67 16.85
CA ASN C 78 11.13 -2.29 16.33
C ASN C 78 12.37 -1.62 15.82
N GLN C 79 12.56 -1.83 14.50
CA GLN C 79 13.46 -1.21 13.56
C GLN C 79 13.83 -2.33 12.56
N PHE C 80 14.15 -1.95 11.33
CA PHE C 80 14.57 -2.94 10.34
C PHE C 80 15.75 -2.41 9.56
N SER C 81 16.66 -3.31 9.21
CA SER C 81 17.96 -2.95 8.69
C SER C 81 18.21 -3.46 7.28
N LEU C 82 19.25 -2.91 6.66
CA LEU C 82 19.67 -3.23 5.32
C LEU C 82 21.12 -3.69 5.35
N LYS C 83 21.46 -4.69 4.54
CA LYS C 83 22.81 -5.15 4.50
C LYS C 83 23.19 -5.57 3.09
N LEU C 84 24.05 -4.78 2.47
CA LEU C 84 24.37 -4.87 1.05
C LEU C 84 25.87 -5.07 0.86
N THR C 85 26.26 -6.25 0.35
CA THR C 85 27.64 -6.65 0.29
C THR C 85 28.32 -6.26 -1.02
N SER C 86 29.63 -6.50 -1.08
CA SER C 86 30.42 -6.39 -2.33
C SER C 86 30.03 -5.17 -3.12
N VAL C 87 30.01 -4.03 -2.43
CA VAL C 87 29.56 -2.83 -3.10
C VAL C 87 30.62 -2.33 -4.10
N THR C 88 30.16 -1.43 -4.98
CA THR C 88 30.99 -0.60 -5.84
C THR C 88 30.35 0.77 -5.88
N ALA C 89 30.98 1.73 -6.55
CA ALA C 89 30.44 3.07 -6.61
C ALA C 89 29.05 3.11 -7.26
N ALA C 90 28.63 1.98 -7.85
CA ALA C 90 27.26 1.77 -8.37
C ALA C 90 26.16 1.92 -7.34
N ASP C 91 26.52 1.75 -6.07
CA ASP C 91 25.62 1.83 -4.94
C ASP C 91 25.69 3.18 -4.21
N THR C 92 26.31 4.19 -4.78
CA THR C 92 26.26 5.51 -4.18
C THR C 92 24.84 6.06 -4.32
N ALA C 93 24.09 6.07 -3.25
CA ALA C 93 22.73 6.60 -3.34
C ALA C 93 22.21 7.23 -2.07
N VAL C 94 21.09 7.94 -2.20
CA VAL C 94 20.27 8.29 -1.04
C VAL C 94 19.43 7.06 -0.78
N TYR C 95 19.52 6.54 0.45
CA TYR C 95 18.72 5.38 0.83
C TYR C 95 17.50 5.89 1.59
N TYR C 96 16.39 5.19 1.38
CA TYR C 96 15.13 5.62 1.93
C TYR C 96 14.49 4.53 2.66
N CYS C 97 13.78 4.98 3.67
CA CYS C 97 13.04 4.17 4.55
C CYS C 97 11.63 4.39 4.17
N ALA C 98 10.84 3.33 4.05
CA ALA C 98 9.43 3.56 3.73
C ALA C 98 8.56 2.39 4.04
N ARG C 99 7.29 2.72 4.27
CA ARG C 99 6.22 1.79 4.61
C ARG C 99 5.23 1.79 3.45
N VAL C 100 4.52 0.67 3.27
CA VAL C 100 3.68 0.47 2.10
C VAL C 100 2.19 0.99 2.32
N PRO C 101 1.18 0.15 2.59
CA PRO C 101 1.09 -1.24 2.77
C PRO C 101 -0.27 -1.84 2.47
N ARG C 102 -0.26 -3.16 2.59
CA ARG C 102 -1.23 -4.05 2.05
C ARG C 102 -2.32 -4.25 3.04
N LEU C 103 -3.27 -3.32 3.05
CA LEU C 103 -4.45 -3.55 3.87
C LEU C 103 -5.24 -4.66 3.20
N ARG C 104 -6.23 -4.30 2.36
CA ARG C 104 -6.93 -5.29 1.54
C ARG C 104 -6.67 -4.97 0.09
N GLY C 105 -5.41 -4.72 -0.19
CA GLY C 105 -4.96 -4.23 -1.49
C GLY C 105 -3.85 -3.19 -1.33
N GLY C 106 -3.81 -2.29 -2.30
CA GLY C 106 -2.93 -1.14 -2.30
C GLY C 106 -1.47 -1.31 -1.96
N ASN C 107 -0.61 -1.36 -2.95
CA ASN C 107 0.79 -1.60 -2.69
C ASN C 107 1.53 -0.36 -3.16
N TYR C 108 1.84 0.57 -2.22
CA TYR C 108 2.28 1.91 -2.59
C TYR C 108 3.33 2.78 -1.86
N PHE C 109 3.95 2.39 -0.76
CA PHE C 109 4.98 3.30 -0.16
C PHE C 109 4.47 4.69 0.26
N ASP C 110 4.12 4.86 1.54
CA ASP C 110 3.87 6.17 2.14
C ASP C 110 4.73 6.28 3.36
N SER C 111 4.70 7.46 3.97
CA SER C 111 5.54 7.78 5.10
C SER C 111 6.98 7.52 4.67
N TRP C 112 7.64 8.49 4.07
CA TRP C 112 9.00 8.25 3.59
C TRP C 112 9.90 9.01 4.49
N GLY C 113 11.07 8.44 4.72
CA GLY C 113 12.11 9.06 5.50
C GLY C 113 12.96 9.96 4.65
N GLN C 114 13.34 11.11 5.17
CA GLN C 114 14.04 12.09 4.36
C GLN C 114 15.33 11.56 3.72
N GLY C 115 15.83 10.44 4.19
CA GLY C 115 16.82 9.71 3.43
C GLY C 115 18.23 10.04 3.90
N THR C 116 19.07 9.01 3.94
CA THR C 116 20.44 9.13 4.36
C THR C 116 21.27 8.87 3.10
N LEU C 117 22.17 9.81 2.74
CA LEU C 117 23.07 9.62 1.61
C LEU C 117 24.20 8.70 2.05
N VAL C 118 24.67 7.87 1.14
CA VAL C 118 25.77 6.98 1.42
C VAL C 118 26.70 6.90 0.19
N THR C 119 27.97 7.28 0.37
CA THR C 119 28.98 7.30 -0.68
C THR C 119 29.88 6.08 -0.58
N VAL C 120 29.96 5.33 -1.69
CA VAL C 120 30.89 4.22 -1.79
C VAL C 120 32.16 4.72 -2.49
N SER C 121 33.26 4.70 -1.74
CA SER C 121 34.59 5.19 -2.18
C SER C 121 35.60 4.95 -1.05
N SER C 122 36.84 4.66 -1.44
CA SER C 122 37.91 4.28 -0.52
C SER C 122 38.66 5.47 0.06
N ALA C 123 38.42 6.65 -0.48
CA ALA C 123 39.05 7.84 0.07
C ALA C 123 38.53 8.03 1.48
N SER C 124 39.46 8.41 2.35
CA SER C 124 39.17 8.50 3.75
C SER C 124 38.40 9.74 4.08
N THR C 125 37.74 9.72 5.23
CA THR C 125 36.90 10.83 5.64
C THR C 125 37.77 12.02 5.95
N LYS C 126 37.20 13.20 5.78
CA LYS C 126 37.85 14.43 6.20
C LYS C 126 36.81 15.28 6.89
N GLY C 127 37.18 15.82 8.05
CA GLY C 127 36.38 16.85 8.67
C GLY C 127 36.63 18.12 7.90
N PRO C 128 35.64 19.02 7.88
CA PRO C 128 35.87 20.30 7.21
C PRO C 128 36.57 21.30 8.11
N SER C 129 37.04 22.35 7.46
CA SER C 129 37.53 23.52 8.12
C SER C 129 36.46 24.59 7.94
N VAL C 130 36.17 25.35 9.00
CA VAL C 130 35.20 26.43 8.88
C VAL C 130 35.94 27.73 9.01
N PHE C 131 35.52 28.72 8.21
CA PHE C 131 36.02 30.07 8.32
C PHE C 131 34.80 30.97 8.20
N PRO C 132 34.85 32.16 8.82
CA PRO C 132 33.73 33.09 8.77
C PRO C 132 33.80 33.99 7.59
N LEU C 133 32.65 34.32 7.04
CA LEU C 133 32.56 35.26 5.93
C LEU C 133 31.92 36.50 6.49
N ALA C 134 32.74 37.51 6.78
CA ALA C 134 32.28 38.74 7.38
C ALA C 134 31.20 39.44 6.55
N PRO C 135 30.39 40.28 7.17
CA PRO C 135 29.59 41.23 6.41
C PRO C 135 30.39 42.49 6.20
N SER C 136 30.12 43.22 5.13
CA SER C 136 30.89 44.41 4.85
C SER C 136 30.03 45.61 4.55
N SER C 137 30.71 46.74 4.30
CA SER C 137 30.09 47.97 3.83
C SER C 137 29.02 48.51 4.83
N GLY C 143 19.86 48.62 5.39
CA GLY C 143 19.41 47.31 5.89
C GLY C 143 20.04 46.16 5.15
N THR C 144 19.97 44.97 5.72
CA THR C 144 20.37 43.72 5.05
C THR C 144 21.83 43.71 4.66
N ALA C 145 22.63 43.06 5.48
CA ALA C 145 24.02 42.70 5.15
C ALA C 145 24.10 41.18 4.96
N ALA C 146 25.11 40.73 4.21
CA ALA C 146 25.31 39.31 3.95
C ALA C 146 26.48 38.82 4.74
N LEU C 147 26.30 37.66 5.38
CA LEU C 147 27.39 37.00 6.11
C LEU C 147 27.17 35.53 6.17
N GLY C 148 28.23 34.78 6.44
CA GLY C 148 28.11 33.35 6.51
C GLY C 148 29.37 32.60 6.80
N CYS C 149 29.30 31.33 7.14
CA CYS C 149 30.49 30.51 7.18
C CYS C 149 30.75 29.83 5.86
N LEU C 150 32.04 29.70 5.57
CA LEU C 150 32.56 28.94 4.47
C LEU C 150 33.06 27.59 5.03
N VAL C 151 32.38 26.52 4.68
CA VAL C 151 32.78 25.16 5.08
C VAL C 151 33.68 24.61 4.01
N LYS C 152 34.92 24.27 4.36
CA LYS C 152 35.92 23.86 3.37
C LYS C 152 36.39 22.43 3.50
N ASP C 153 36.89 21.92 2.39
CA ASP C 153 37.57 20.66 2.30
C ASP C 153 36.99 19.58 3.20
N TYR C 154 35.98 18.86 2.73
CA TYR C 154 35.44 17.74 3.49
C TYR C 154 35.00 16.61 2.62
N PHE C 155 34.99 15.41 3.20
CA PHE C 155 34.51 14.22 2.52
C PHE C 155 33.95 13.25 3.53
N PRO C 156 32.85 12.58 3.22
CA PRO C 156 32.03 12.72 2.04
C PRO C 156 30.98 13.80 2.29
N GLU C 157 29.83 13.66 1.65
CA GLU C 157 28.70 14.49 1.98
C GLU C 157 27.75 13.77 2.93
N PRO C 158 26.92 14.51 3.65
CA PRO C 158 26.78 15.94 3.56
C PRO C 158 27.19 16.63 4.82
N VAL C 159 26.99 17.93 4.80
CA VAL C 159 27.29 18.77 5.93
C VAL C 159 26.10 19.67 6.15
N THR C 160 25.49 19.62 7.34
CA THR C 160 24.43 20.57 7.64
C THR C 160 24.98 21.70 8.47
N VAL C 161 24.68 22.91 8.03
CA VAL C 161 25.01 24.11 8.75
C VAL C 161 23.73 24.59 9.37
N SER C 162 23.74 24.75 10.68
CA SER C 162 22.69 25.47 11.37
C SER C 162 23.21 26.84 11.75
N TRP C 163 22.31 27.72 12.14
CA TRP C 163 22.69 29.06 12.59
C TRP C 163 22.04 29.35 13.92
N ASN C 164 22.83 29.84 14.88
CA ASN C 164 22.32 30.30 16.17
C ASN C 164 21.52 29.20 16.85
N SER C 165 22.04 28.00 16.75
CA SER C 165 21.35 26.78 17.20
C SER C 165 19.97 26.46 16.55
N GLY C 166 19.51 27.29 15.62
CA GLY C 166 18.15 27.23 15.15
C GLY C 166 17.34 28.46 15.50
N ALA C 167 17.90 29.38 16.30
CA ALA C 167 17.19 30.63 16.63
C ALA C 167 16.96 31.51 15.42
N LEU C 168 17.33 31.01 14.25
CA LEU C 168 17.49 31.82 13.08
C LEU C 168 17.32 30.87 11.92
N THR C 169 16.09 30.80 11.45
CA THR C 169 15.72 29.98 10.32
C THR C 169 15.46 30.84 9.10
N SER C 170 15.08 32.11 9.30
CA SER C 170 14.79 33.03 8.20
C SER C 170 16.06 33.58 7.60
N GLY C 171 16.15 33.42 6.30
CA GLY C 171 17.22 34.00 5.52
C GLY C 171 18.47 33.18 5.61
N VAL C 172 18.31 31.86 5.54
CA VAL C 172 19.41 30.93 5.58
C VAL C 172 19.52 30.21 4.26
N HIS C 173 20.32 30.74 3.34
N HIS C 173 20.41 30.72 3.41
CA HIS C 173 20.60 30.03 2.10
CA HIS C 173 20.71 30.16 2.12
C HIS C 173 21.98 29.40 2.22
C HIS C 173 22.03 29.40 2.22
N THR C 174 21.98 28.16 2.69
CA THR C 174 23.10 27.25 2.56
C THR C 174 23.08 26.78 1.12
N PHE C 175 24.26 26.72 0.50
CA PHE C 175 24.39 26.44 -0.94
C PHE C 175 24.84 25.00 -1.20
N PRO C 176 24.59 24.51 -2.44
CA PRO C 176 25.16 23.22 -2.80
C PRO C 176 26.68 23.22 -2.90
N ALA C 177 27.22 22.06 -2.60
CA ALA C 177 28.65 21.90 -2.40
C ALA C 177 29.39 21.59 -3.70
N VAL C 178 30.55 22.19 -3.88
CA VAL C 178 31.36 21.90 -5.04
C VAL C 178 32.14 20.66 -4.75
N LEU C 179 32.34 19.81 -5.76
CA LEU C 179 33.36 18.76 -5.67
C LEU C 179 34.61 19.30 -6.35
N GLN C 180 35.48 19.95 -5.56
CA GLN C 180 36.75 20.48 -6.07
C GLN C 180 37.59 19.36 -6.69
N SER C 181 38.54 19.76 -7.54
CA SER C 181 39.34 18.83 -8.32
C SER C 181 40.15 17.84 -7.46
N SER C 182 40.41 18.19 -6.19
CA SER C 182 40.84 17.20 -5.20
C SER C 182 39.80 16.09 -5.13
N GLY C 183 39.81 15.29 -4.07
CA GLY C 183 38.70 14.37 -3.80
C GLY C 183 37.43 14.90 -3.11
N LEU C 184 37.38 16.19 -2.78
CA LEU C 184 36.53 16.62 -1.70
C LEU C 184 35.87 17.96 -1.89
N TYR C 185 34.89 18.20 -1.01
CA TYR C 185 33.84 19.20 -1.17
C TYR C 185 34.17 20.42 -0.38
N SER C 186 33.30 21.42 -0.52
CA SER C 186 33.36 22.64 0.24
C SER C 186 32.13 23.43 -0.15
N LEU C 187 31.52 24.08 0.84
CA LEU C 187 30.33 24.85 0.64
C LEU C 187 30.22 26.01 1.57
N SER C 188 29.34 26.91 1.21
CA SER C 188 29.13 28.15 1.92
C SER C 188 27.71 28.17 2.41
N SER C 189 27.50 28.93 3.47
CA SER C 189 26.17 29.22 3.95
C SER C 189 26.20 30.66 4.40
N VAL C 190 25.16 31.40 4.04
CA VAL C 190 25.07 32.81 4.32
C VAL C 190 23.72 33.14 4.86
N VAL C 191 23.65 34.36 5.36
CA VAL C 191 22.47 34.86 6.00
C VAL C 191 22.26 36.32 5.61
N THR C 192 20.98 36.64 5.38
CA THR C 192 20.53 38.00 5.17
C THR C 192 19.80 38.37 6.43
N VAL C 193 20.37 39.32 7.16
CA VAL C 193 19.76 39.82 8.36
C VAL C 193 20.01 41.30 8.48
N PRO C 194 19.37 41.96 9.46
CA PRO C 194 19.52 43.41 9.48
C PRO C 194 20.96 43.86 9.63
N SER C 195 21.14 45.15 9.41
CA SER C 195 22.38 45.82 9.64
C SER C 195 22.32 46.69 10.92
N SER C 196 21.15 47.19 11.29
CA SER C 196 21.01 47.82 12.59
C SER C 196 21.26 46.80 13.71
N SER C 197 21.19 45.51 13.39
CA SER C 197 21.35 44.47 14.39
C SER C 197 22.84 44.25 14.68
N LEU C 198 23.60 43.68 13.74
CA LEU C 198 25.03 43.31 14.01
C LEU C 198 25.84 44.44 14.68
N GLY C 199 26.87 44.08 15.44
CA GLY C 199 27.33 44.96 16.54
C GLY C 199 26.35 44.99 17.74
N THR C 200 25.43 44.00 17.82
CA THR C 200 24.51 43.80 18.94
C THR C 200 23.84 42.42 18.88
N GLN C 201 24.11 41.62 17.85
CA GLN C 201 23.36 40.39 17.68
C GLN C 201 24.17 39.09 17.69
N THR C 202 25.38 39.09 17.12
CA THR C 202 26.25 37.92 17.15
C THR C 202 25.62 36.74 16.36
N TYR C 203 26.36 36.26 15.36
CA TYR C 203 25.90 35.17 14.53
C TYR C 203 26.91 34.04 14.63
N ILE C 204 26.41 32.91 15.10
CA ILE C 204 27.20 31.70 15.14
C ILE C 204 26.78 30.82 14.00
N CYS C 205 27.76 30.19 13.36
CA CYS C 205 27.47 29.05 12.52
C CYS C 205 26.95 27.92 13.31
N ASN C 206 27.12 26.70 12.79
CA ASN C 206 26.82 25.47 13.48
C ASN C 206 27.01 24.35 12.46
N VAL C 207 28.20 24.29 11.92
CA VAL C 207 28.51 23.32 10.91
C VAL C 207 28.66 21.99 11.62
N ASN C 208 28.22 20.92 10.99
CA ASN C 208 28.18 19.61 11.61
C ASN C 208 28.28 18.57 10.51
N HIS C 209 29.50 18.13 10.25
CA HIS C 209 29.74 16.99 9.38
C HIS C 209 29.39 15.77 10.18
N LYS C 210 29.07 14.67 9.53
CA LYS C 210 28.65 13.45 10.27
C LYS C 210 29.65 12.30 10.17
N PRO C 211 30.07 11.92 8.96
CA PRO C 211 31.01 10.80 8.84
C PRO C 211 32.31 11.01 9.59
N SER C 212 32.75 12.24 9.73
CA SER C 212 33.93 12.53 10.54
C SER C 212 33.63 12.81 12.01
N ASN C 213 32.35 13.03 12.36
CA ASN C 213 31.93 13.63 13.66
C ASN C 213 32.62 14.96 13.85
N THR C 214 31.84 16.03 13.85
CA THR C 214 32.40 17.37 13.88
C THR C 214 31.22 18.32 14.02
N LYS C 215 31.12 19.01 15.15
CA LYS C 215 30.13 20.07 15.31
C LYS C 215 30.91 21.32 15.70
N VAL C 216 31.27 22.12 14.68
CA VAL C 216 31.98 23.38 14.84
C VAL C 216 31.00 24.56 14.84
N ASP C 217 31.06 25.35 15.91
CA ASP C 217 30.37 26.61 16.00
C ASP C 217 31.40 27.65 15.65
N LYS C 218 31.00 28.62 14.85
CA LYS C 218 31.90 29.70 14.44
C LYS C 218 31.23 31.05 14.54
N ARG C 219 31.99 32.02 15.05
CA ARG C 219 31.50 33.37 15.12
C ARG C 219 31.86 34.19 13.93
N VAL C 220 30.89 35.01 13.54
CA VAL C 220 31.06 35.98 12.51
C VAL C 220 30.76 37.27 13.24
N GLU C 221 31.70 38.21 13.47
CA GLU C 221 33.02 38.46 12.87
C GLU C 221 32.93 39.68 11.92
N PRO C 222 32.18 40.76 12.28
CA PRO C 222 32.19 41.95 11.39
C PRO C 222 33.54 42.70 11.25
N LYS C 223 34.64 41.93 11.22
CA LYS C 223 36.03 42.44 11.28
C LYS C 223 36.39 43.20 10.03
N GLN D 6 10.93 -8.26 -13.03
CA GLN D 6 11.15 -6.78 -13.03
C GLN D 6 11.64 -6.19 -14.37
N SER D 7 10.69 -5.67 -15.15
CA SER D 7 10.93 -4.78 -16.27
C SER D 7 11.52 -3.47 -15.71
N VAL D 8 11.19 -2.32 -16.27
CA VAL D 8 11.71 -1.08 -15.72
C VAL D 8 10.78 0.10 -15.90
N LEU D 9 9.69 -0.08 -16.62
CA LEU D 9 8.59 0.88 -16.66
C LEU D 9 8.95 2.15 -17.39
N THR D 10 8.21 2.44 -18.45
CA THR D 10 8.62 3.42 -19.42
C THR D 10 7.71 4.61 -19.36
N GLN D 11 8.27 5.74 -18.94
CA GLN D 11 7.57 7.01 -18.93
C GLN D 11 8.29 7.89 -19.94
N PRO D 12 7.76 9.08 -20.22
CA PRO D 12 8.57 9.99 -21.02
C PRO D 12 9.73 10.46 -20.17
N ALA D 13 10.71 11.10 -20.79
CA ALA D 13 11.79 11.75 -20.06
C ALA D 13 11.37 13.13 -19.56
N SER D 14 10.31 13.69 -20.10
CA SER D 14 9.91 15.05 -19.77
C SER D 14 8.60 15.30 -20.54
N VAL D 15 7.72 16.11 -19.71
CA VAL D 15 6.59 16.69 -20.38
C VAL D 15 6.67 18.14 -20.05
N SER D 16 5.70 18.89 -20.55
CA SER D 16 5.75 20.33 -20.50
C SER D 16 4.36 20.87 -20.65
N GLY D 17 4.18 22.13 -20.25
CA GLY D 17 2.95 22.85 -20.54
C GLY D 17 2.88 24.18 -19.82
N SER D 18 1.95 25.03 -20.22
CA SER D 18 1.85 26.35 -19.63
C SER D 18 0.93 26.37 -18.41
N PRO D 19 1.07 27.41 -17.56
CA PRO D 19 0.19 27.55 -16.40
C PRO D 19 -1.28 27.44 -16.75
N GLY D 20 -2.13 27.10 -15.78
CA GLY D 20 -3.55 26.91 -16.03
C GLY D 20 -3.92 25.73 -16.91
N GLN D 21 -2.95 25.21 -17.67
CA GLN D 21 -3.20 24.14 -18.64
C GLN D 21 -3.29 22.80 -17.91
N SER D 22 -3.22 21.71 -18.67
CA SER D 22 -3.23 20.38 -18.11
C SER D 22 -2.41 19.46 -18.99
N ILE D 23 -1.67 18.55 -18.36
CA ILE D 23 -0.90 17.57 -19.09
C ILE D 23 -0.96 16.25 -18.39
N THR D 24 -0.72 15.16 -19.12
CA THR D 24 -0.59 13.87 -18.49
C THR D 24 0.81 13.32 -18.70
N ILE D 25 1.16 12.42 -17.78
CA ILE D 25 2.39 11.64 -17.83
C ILE D 25 1.98 10.18 -17.98
N SER D 26 2.74 9.44 -18.76
CA SER D 26 2.36 8.10 -19.11
C SER D 26 3.32 7.13 -18.49
N CYS D 27 2.83 5.96 -18.08
CA CYS D 27 3.71 4.89 -17.55
C CYS D 27 3.30 3.53 -18.09
N THR D 28 4.19 2.90 -18.84
CA THR D 28 3.92 1.61 -19.47
C THR D 28 4.78 0.51 -18.85
N GLY D 29 4.16 -0.61 -18.52
CA GLY D 29 4.86 -1.80 -18.03
C GLY D 29 4.34 -3.04 -18.71
N THR D 30 4.62 -4.22 -18.16
CA THR D 30 4.04 -5.43 -18.71
C THR D 30 2.66 -5.72 -18.15
N SER D 31 2.00 -6.71 -18.76
CA SER D 31 0.75 -7.28 -18.26
C SER D 31 0.82 -7.77 -16.82
N SER D 32 2.04 -7.98 -16.31
CA SER D 32 2.31 -8.33 -14.91
C SER D 32 2.73 -7.17 -14.00
N ASP D 33 2.95 -5.98 -14.58
CA ASP D 33 3.18 -4.76 -13.83
C ASP D 33 1.85 -4.02 -13.72
N VAL D 34 1.84 -2.81 -14.25
CA VAL D 34 0.64 -2.01 -14.50
C VAL D 34 -0.50 -2.90 -14.99
N GLY D 35 -0.13 -3.88 -15.82
CA GLY D 35 -0.98 -4.91 -16.39
C GLY D 35 -2.42 -4.97 -15.98
N GLY D 36 -2.80 -5.85 -15.04
CA GLY D 36 -1.90 -6.62 -14.21
C GLY D 36 -2.54 -6.66 -12.83
N TYR D 37 -2.53 -5.48 -12.18
CA TYR D 37 -3.07 -5.27 -10.86
C TYR D 37 -3.56 -3.84 -10.72
N LYS D 38 -4.29 -3.58 -9.65
CA LYS D 38 -4.66 -2.23 -9.26
C LYS D 38 -3.69 -1.73 -8.16
N TYR D 39 -2.40 -1.77 -8.50
CA TYR D 39 -1.31 -1.36 -7.62
C TYR D 39 -0.31 -0.44 -8.33
N VAL D 40 -0.82 0.58 -9.01
CA VAL D 40 0.03 1.63 -9.57
C VAL D 40 -0.07 2.85 -8.65
N SER D 41 1.07 3.49 -8.41
CA SER D 41 1.17 4.67 -7.60
C SER D 41 2.01 5.75 -8.30
N TRP D 42 1.88 6.99 -7.81
CA TRP D 42 2.67 8.09 -8.34
C TRP D 42 3.36 8.90 -7.23
N TYR D 43 4.58 9.33 -7.53
CA TYR D 43 5.41 10.12 -6.61
C TYR D 43 5.92 11.36 -7.23
N GLN D 44 5.74 12.45 -6.49
CA GLN D 44 6.29 13.74 -6.81
C GLN D 44 7.55 13.86 -6.00
N GLN D 45 8.52 14.60 -6.54
CA GLN D 45 9.85 14.71 -5.89
C GLN D 45 10.10 16.07 -5.25
N HIS D 46 10.33 17.08 -6.09
CA HIS D 46 10.79 18.39 -5.66
C HIS D 46 12.22 18.25 -5.22
N PRO D 47 13.10 19.13 -5.72
CA PRO D 47 14.43 19.03 -5.20
C PRO D 47 14.53 19.82 -3.87
N ASP D 48 15.27 19.32 -2.89
CA ASP D 48 15.91 18.01 -2.89
C ASP D 48 15.25 17.19 -1.80
N LYS D 49 13.93 17.11 -1.81
CA LYS D 49 13.24 16.38 -0.73
C LYS D 49 13.05 14.95 -1.13
N ALA D 50 12.25 14.26 -0.34
CA ALA D 50 11.94 12.87 -0.60
C ALA D 50 10.71 12.73 -1.48
N PRO D 51 10.50 11.56 -2.04
CA PRO D 51 9.30 11.34 -2.80
C PRO D 51 8.04 11.43 -1.94
N LYS D 52 7.02 12.08 -2.47
CA LYS D 52 5.75 12.27 -1.82
C LYS D 52 4.69 11.42 -2.53
N LEU D 53 3.95 10.63 -1.74
CA LEU D 53 2.87 9.82 -2.31
C LEU D 53 1.80 10.77 -2.82
N MET D 54 1.53 10.67 -4.13
CA MET D 54 0.50 11.48 -4.80
C MET D 54 -0.72 10.65 -5.23
N ILE D 55 -0.50 9.51 -5.88
CA ILE D 55 -1.58 8.63 -6.32
C ILE D 55 -1.27 7.22 -5.91
N TYR D 56 -2.30 6.49 -5.48
CA TYR D 56 -2.13 5.05 -5.14
C TYR D 56 -3.27 4.22 -5.67
N GLU D 57 -3.04 2.90 -5.69
CA GLU D 57 -4.01 1.97 -6.29
C GLU D 57 -4.59 2.55 -7.60
N VAL D 58 -3.71 2.81 -8.57
CA VAL D 58 -4.09 3.28 -9.90
C VAL D 58 -4.56 4.72 -9.92
N SER D 59 -5.51 5.08 -9.06
CA SER D 59 -6.14 6.38 -9.14
C SER D 59 -6.69 6.89 -7.84
N ASN D 60 -6.07 6.52 -6.73
CA ASN D 60 -6.50 6.97 -5.43
C ASN D 60 -5.54 8.02 -4.88
N ARG D 61 -6.10 9.03 -4.24
CA ARG D 61 -5.32 10.17 -3.77
C ARG D 61 -5.38 10.34 -2.26
N PRO D 62 -4.22 10.21 -1.58
CA PRO D 62 -4.22 10.45 -0.16
C PRO D 62 -4.59 11.87 0.17
N SER D 63 -5.31 12.02 1.28
CA SER D 63 -5.60 13.31 1.89
C SER D 63 -4.38 14.23 1.89
N GLY D 64 -4.64 15.54 1.83
CA GLY D 64 -3.56 16.53 1.82
C GLY D 64 -2.75 16.61 0.53
N VAL D 65 -3.19 15.93 -0.52
CA VAL D 65 -2.65 16.08 -1.88
C VAL D 65 -3.65 16.95 -2.65
N SER D 66 -3.16 17.77 -3.56
CA SER D 66 -4.03 18.68 -4.28
C SER D 66 -5.12 17.97 -5.05
N ASN D 67 -6.07 18.78 -5.47
CA ASN D 67 -7.23 18.33 -6.21
C ASN D 67 -6.94 17.94 -7.70
N ARG D 68 -5.82 18.43 -8.24
CA ARG D 68 -5.57 18.42 -9.66
C ARG D 68 -4.74 17.24 -10.10
N PHE D 69 -4.57 16.23 -9.24
CA PHE D 69 -3.81 15.03 -9.63
C PHE D 69 -4.77 13.86 -9.65
N SER D 70 -4.99 13.34 -10.85
CA SER D 70 -5.80 12.16 -11.09
C SER D 70 -4.91 11.10 -11.62
N GLY D 71 -5.29 9.85 -11.43
CA GLY D 71 -4.54 8.77 -12.00
C GLY D 71 -5.46 7.89 -12.82
N SER D 72 -4.97 7.30 -13.88
CA SER D 72 -5.85 6.47 -14.71
C SER D 72 -5.07 5.35 -15.30
N LYS D 73 -5.77 4.50 -16.02
CA LYS D 73 -5.11 3.33 -16.48
C LYS D 73 -5.91 2.70 -17.62
N SER D 74 -5.20 2.13 -18.57
CA SER D 74 -5.82 1.41 -19.64
C SER D 74 -4.77 0.53 -20.24
N GLY D 75 -4.96 -0.78 -20.06
CA GLY D 75 -4.03 -1.74 -20.60
C GLY D 75 -2.81 -1.84 -19.70
N ASN D 76 -1.65 -1.65 -20.28
CA ASN D 76 -0.45 -1.72 -19.51
C ASN D 76 0.19 -0.35 -19.41
N THR D 77 -0.62 0.70 -19.57
CA THR D 77 -0.16 2.07 -19.50
C THR D 77 -1.12 2.82 -18.56
N ALA D 78 -0.53 3.52 -17.59
CA ALA D 78 -1.26 4.35 -16.64
C ALA D 78 -0.89 5.80 -16.89
N SER D 79 -1.62 6.71 -16.25
CA SER D 79 -1.41 8.11 -16.50
C SER D 79 -1.69 8.97 -15.30
N LEU D 80 -0.79 9.92 -15.06
CA LEU D 80 -0.99 10.96 -14.09
C LEU D 80 -1.34 12.24 -14.85
N THR D 81 -2.41 12.90 -14.42
CA THR D 81 -2.95 14.07 -15.10
C THR D 81 -3.07 15.25 -14.10
N ILE D 82 -2.15 16.19 -14.23
CA ILE D 82 -2.16 17.43 -13.47
C ILE D 82 -3.08 18.34 -14.23
N SER D 83 -4.07 18.86 -13.53
CA SER D 83 -5.14 19.60 -14.17
C SER D 83 -5.23 20.98 -13.55
N GLY D 84 -4.48 21.91 -14.11
CA GLY D 84 -4.49 23.28 -13.63
C GLY D 84 -3.10 23.73 -13.29
N LEU D 85 -2.16 23.42 -14.16
CA LEU D 85 -0.74 23.71 -13.99
C LEU D 85 -0.45 24.99 -13.24
N GLN D 86 0.36 24.85 -12.20
CA GLN D 86 0.90 26.00 -11.48
C GLN D 86 2.38 25.89 -11.58
N ALA D 87 3.05 27.01 -11.53
CA ALA D 87 4.46 26.97 -11.82
C ALA D 87 5.24 26.18 -10.76
N GLU D 88 4.55 25.68 -9.71
CA GLU D 88 5.19 24.88 -8.66
C GLU D 88 4.90 23.39 -8.65
N ASP D 89 4.43 22.84 -9.76
CA ASP D 89 4.43 21.37 -9.94
C ASP D 89 5.66 20.89 -10.69
N GLU D 90 6.50 21.82 -11.10
CA GLU D 90 7.78 21.47 -11.68
C GLU D 90 8.49 20.56 -10.67
N ALA D 91 8.60 19.31 -11.07
CA ALA D 91 9.36 18.32 -10.33
C ALA D 91 9.53 17.04 -11.15
N ASP D 92 10.18 16.05 -10.58
CA ASP D 92 10.24 14.71 -11.16
C ASP D 92 9.04 13.91 -10.68
N TYR D 93 8.47 13.09 -11.56
CA TYR D 93 7.40 12.20 -11.17
C TYR D 93 7.83 10.81 -11.47
N TYR D 94 7.39 9.88 -10.64
CA TYR D 94 7.72 8.47 -10.82
C TYR D 94 6.50 7.59 -10.74
N CYS D 95 6.33 6.78 -11.75
CA CYS D 95 5.29 5.79 -11.68
C CYS D 95 5.95 4.56 -11.02
N SER D 96 5.16 3.81 -10.25
CA SER D 96 5.61 2.54 -9.71
C SER D 96 4.47 1.53 -9.56
N SER D 97 4.75 0.26 -9.84
CA SER D 97 3.73 -0.80 -9.66
C SER D 97 4.28 -1.97 -8.92
N TYR D 98 3.39 -2.73 -8.30
CA TYR D 98 3.69 -4.05 -7.83
C TYR D 98 3.72 -4.95 -9.07
N THR D 99 4.38 -6.09 -8.96
CA THR D 99 4.61 -6.98 -10.08
C THR D 99 4.44 -8.38 -9.54
N SER D 100 4.68 -9.40 -10.38
CA SER D 100 4.64 -10.78 -9.93
C SER D 100 5.35 -11.72 -10.90
N SER D 101 6.60 -12.16 -10.63
CA SER D 101 7.49 -11.80 -9.48
C SER D 101 6.76 -11.78 -8.17
N SER D 102 7.21 -10.91 -7.28
CA SER D 102 6.45 -10.60 -6.11
C SER D 102 6.93 -9.30 -5.48
N THR D 103 6.97 -8.23 -6.29
CA THR D 103 7.92 -7.12 -6.10
C THR D 103 7.55 -5.87 -6.85
N TRP D 104 8.37 -4.83 -6.77
CA TRP D 104 8.00 -3.51 -7.26
C TRP D 104 8.98 -2.98 -8.28
N VAL D 105 8.46 -2.27 -9.27
CA VAL D 105 9.29 -1.61 -10.28
C VAL D 105 8.86 -0.16 -10.34
N PHE D 106 9.81 0.68 -10.74
CA PHE D 106 9.60 2.11 -10.91
C PHE D 106 9.83 2.52 -12.35
N GLY D 107 9.14 3.57 -12.76
CA GLY D 107 9.45 4.21 -14.02
C GLY D 107 10.71 5.08 -13.90
N GLY D 108 11.31 5.38 -15.04
CA GLY D 108 12.56 6.11 -15.09
C GLY D 108 12.46 7.56 -14.70
N GLY D 109 11.26 8.09 -14.52
CA GLY D 109 11.07 9.46 -14.07
C GLY D 109 10.70 10.38 -15.19
N THR D 110 10.13 11.52 -14.83
CA THR D 110 9.66 12.53 -15.79
C THR D 110 9.88 13.93 -15.23
N LYS D 111 10.90 14.64 -15.73
CA LYS D 111 11.08 16.03 -15.33
C LYS D 111 10.06 16.88 -16.07
N LEU D 112 8.95 17.20 -15.41
CA LEU D 112 7.99 18.10 -16.04
C LEU D 112 8.38 19.54 -15.78
N THR D 113 8.21 20.33 -16.83
CA THR D 113 8.72 21.67 -16.92
C THR D 113 7.55 22.61 -17.19
N VAL D 114 7.51 23.74 -16.51
CA VAL D 114 6.47 24.72 -16.71
C VAL D 114 6.92 25.81 -17.71
N LEU D 115 6.45 25.72 -18.94
CA LEU D 115 6.83 26.65 -19.97
C LEU D 115 6.33 28.06 -19.68
N GLY D 116 7.05 29.05 -20.19
CA GLY D 116 6.63 30.46 -20.12
C GLY D 116 7.20 31.24 -18.97
N GLN D 117 7.78 30.53 -18.02
CA GLN D 117 8.45 31.16 -16.89
C GLN D 117 9.32 32.30 -17.40
N PRO D 118 9.30 33.46 -16.72
CA PRO D 118 10.16 34.55 -17.17
C PRO D 118 11.58 34.21 -16.83
N LYS D 119 12.54 34.92 -17.40
CA LYS D 119 13.92 34.63 -17.05
C LYS D 119 14.41 35.70 -16.13
N ALA D 120 15.28 35.29 -15.21
CA ALA D 120 15.58 36.07 -13.99
C ALA D 120 17.08 36.26 -13.89
N ALA D 121 17.53 37.51 -13.84
CA ALA D 121 18.98 37.76 -13.71
C ALA D 121 19.40 37.24 -12.36
N PRO D 122 20.65 36.75 -12.25
CA PRO D 122 21.16 36.30 -10.94
C PRO D 122 21.61 37.46 -10.06
N SER D 123 21.29 37.37 -8.76
CA SER D 123 21.93 38.21 -7.73
C SER D 123 23.26 37.58 -7.35
N VAL D 124 24.30 38.39 -7.28
CA VAL D 124 25.61 37.87 -6.96
C VAL D 124 26.20 38.49 -5.69
N THR D 125 26.98 37.69 -4.95
CA THR D 125 27.70 38.20 -3.78
C THR D 125 29.07 37.55 -3.69
N LEU D 126 30.12 38.37 -3.78
CA LEU D 126 31.51 37.92 -3.58
C LEU D 126 31.96 38.05 -2.13
N PHE D 127 32.82 37.12 -1.70
CA PHE D 127 33.41 37.16 -0.36
C PHE D 127 34.88 36.87 -0.42
N PRO D 128 35.68 37.74 0.24
CA PRO D 128 37.12 37.49 0.28
C PRO D 128 37.50 36.40 1.28
N PRO D 129 38.79 36.04 1.28
CA PRO D 129 39.29 35.16 2.31
C PRO D 129 38.96 35.66 3.70
N SER D 130 38.60 34.80 4.63
CA SER D 130 38.49 35.27 5.99
C SER D 130 39.87 35.74 6.47
N SER D 131 39.90 36.64 7.45
CA SER D 131 41.21 37.04 7.96
C SER D 131 41.87 35.86 8.67
N GLU D 132 41.10 34.94 9.26
CA GLU D 132 41.70 33.76 9.89
C GLU D 132 41.99 32.64 8.90
N GLU D 133 41.49 32.77 7.69
CA GLU D 133 41.81 31.82 6.63
C GLU D 133 43.22 32.09 6.04
N LEU D 134 43.64 33.35 6.04
CA LEU D 134 45.00 33.67 5.63
C LEU D 134 45.97 33.14 6.66
N GLN D 135 45.58 33.11 7.92
CA GLN D 135 46.42 32.52 8.95
C GLN D 135 46.68 31.02 8.74
N ALA D 136 45.84 30.33 7.97
CA ALA D 136 46.20 29.00 7.46
C ALA D 136 47.00 29.02 6.16
N ASN D 137 47.18 30.20 5.60
CA ASN D 137 47.87 30.34 4.32
C ASN D 137 47.20 29.47 3.25
N LYS D 138 45.88 29.69 3.19
CA LYS D 138 45.04 29.42 2.04
C LYS D 138 44.16 30.66 1.90
N ALA D 139 43.57 30.86 0.71
CA ALA D 139 42.81 32.09 0.41
C ALA D 139 41.35 31.79 0.07
N THR D 140 41.02 31.35 -1.13
CA THR D 140 39.63 30.94 -1.43
C THR D 140 38.62 32.10 -1.38
N LEU D 141 38.19 32.52 -2.56
CA LEU D 141 37.13 33.50 -2.75
C LEU D 141 35.82 32.75 -2.99
N VAL D 142 34.72 33.44 -2.75
CA VAL D 142 33.38 32.83 -2.73
C VAL D 142 32.39 33.72 -3.48
N CYS D 143 32.10 33.32 -4.72
CA CYS D 143 31.02 33.91 -5.48
C CYS D 143 29.78 33.05 -5.30
N LEU D 144 28.64 33.70 -5.04
CA LEU D 144 27.39 33.02 -4.76
C LEU D 144 26.31 33.58 -5.66
N ILE D 145 25.90 32.73 -6.60
CA ILE D 145 24.98 33.13 -7.63
C ILE D 145 23.62 32.53 -7.30
N SER D 146 22.63 33.40 -7.16
CA SER D 146 21.33 32.99 -6.73
C SER D 146 20.20 33.53 -7.60
N ASP D 147 19.14 32.72 -7.75
CA ASP D 147 17.83 33.10 -8.31
C ASP D 147 17.84 33.52 -9.74
N PHE D 148 18.24 32.59 -10.60
CA PHE D 148 18.32 32.89 -12.00
C PHE D 148 17.66 31.82 -12.84
N TYR D 149 16.66 32.21 -13.63
CA TYR D 149 16.03 31.30 -14.56
C TYR D 149 16.47 31.72 -15.91
N PRO D 150 16.90 30.74 -16.74
CA PRO D 150 17.29 29.38 -16.33
C PRO D 150 18.80 29.32 -16.07
N GLY D 151 19.25 28.50 -15.14
CA GLY D 151 20.66 28.05 -15.12
C GLY D 151 20.68 26.94 -16.12
N ALA D 152 21.78 26.76 -16.87
CA ALA D 152 23.14 27.20 -16.50
C ALA D 152 23.50 28.66 -16.58
N VAL D 153 24.61 28.95 -15.91
CA VAL D 153 25.27 30.24 -15.95
C VAL D 153 26.72 29.96 -16.26
N THR D 154 27.49 31.01 -16.46
CA THR D 154 28.88 30.85 -16.80
C THR D 154 29.72 31.86 -16.03
N VAL D 155 30.76 31.37 -15.35
CA VAL D 155 31.60 32.22 -14.49
C VAL D 155 33.02 32.18 -14.98
N ALA D 156 33.62 33.36 -15.06
CA ALA D 156 35.03 33.52 -15.35
C ALA D 156 35.56 34.45 -14.32
N TRP D 157 36.78 34.18 -13.85
CA TRP D 157 37.42 35.03 -12.84
C TRP D 157 38.40 36.02 -13.47
N LYS D 158 38.64 37.11 -12.76
CA LYS D 158 39.63 38.11 -13.16
C LYS D 158 40.40 38.58 -11.93
N ALA D 159 41.74 38.60 -12.04
CA ALA D 159 42.64 39.26 -11.05
C ALA D 159 43.20 40.54 -11.65
N ASP D 160 42.42 41.63 -11.54
CA ASP D 160 42.80 42.93 -12.14
C ASP D 160 42.57 42.92 -13.67
N SER D 161 43.57 42.42 -14.40
CA SER D 161 43.59 42.46 -15.86
C SER D 161 42.43 41.65 -16.38
N SER D 162 42.40 40.32 -16.56
CA SER D 162 43.36 39.26 -16.20
C SER D 162 42.62 37.93 -16.05
N PRO D 163 42.59 37.11 -17.10
CA PRO D 163 42.05 35.75 -16.92
C PRO D 163 42.76 34.99 -15.79
N VAL D 164 42.08 33.96 -15.24
CA VAL D 164 42.57 33.16 -14.12
C VAL D 164 42.05 31.73 -14.19
N LYS D 165 42.94 30.74 -14.11
CA LYS D 165 42.61 29.31 -13.98
C LYS D 165 43.91 28.50 -14.00
N ALA D 166 44.19 27.63 -13.00
CA ALA D 166 43.32 27.21 -11.86
C ALA D 166 43.21 28.35 -10.81
N GLY D 167 42.77 28.13 -9.57
CA GLY D 167 42.05 26.97 -9.04
C GLY D 167 40.59 27.33 -8.88
N VAL D 168 39.88 27.30 -10.01
CA VAL D 168 38.47 27.61 -10.05
C VAL D 168 37.64 26.34 -10.05
N GLU D 169 36.64 26.34 -9.17
CA GLU D 169 35.82 25.18 -8.89
C GLU D 169 34.39 25.69 -8.84
N THR D 170 33.65 25.38 -9.90
CA THR D 170 32.31 25.86 -10.07
C THR D 170 31.37 24.68 -10.26
N THR D 171 30.12 24.90 -9.85
CA THR D 171 29.05 23.89 -9.71
C THR D 171 28.04 23.93 -10.84
N THR D 172 27.52 22.76 -11.21
CA THR D 172 26.39 22.72 -12.12
C THR D 172 25.22 23.40 -11.36
N PRO D 173 24.39 24.19 -12.06
CA PRO D 173 23.31 24.90 -11.33
C PRO D 173 22.31 23.94 -10.74
N SER D 174 21.78 24.29 -9.57
CA SER D 174 20.93 23.39 -8.81
C SER D 174 19.60 24.05 -8.66
N LYS D 175 18.56 23.32 -9.10
CA LYS D 175 17.20 23.86 -9.06
C LYS D 175 16.78 24.01 -7.61
N GLN D 176 16.17 25.16 -7.33
CA GLN D 176 15.78 25.52 -5.98
C GLN D 176 14.24 25.44 -5.77
N SER D 177 13.81 25.57 -4.52
CA SER D 177 12.40 25.43 -4.17
C SER D 177 11.51 26.32 -5.02
N ASN D 178 12.01 27.49 -5.44
CA ASN D 178 11.22 28.36 -6.32
C ASN D 178 11.64 28.22 -7.79
N ASN D 179 11.78 26.97 -8.26
CA ASN D 179 12.23 26.62 -9.62
C ASN D 179 13.24 27.50 -10.34
N LYS D 180 13.74 28.55 -9.69
CA LYS D 180 14.84 29.32 -10.21
C LYS D 180 16.10 28.63 -9.73
N TYR D 181 17.21 28.90 -10.40
CA TYR D 181 18.45 28.16 -10.18
C TYR D 181 19.46 28.88 -9.28
N ALA D 182 20.62 28.26 -9.06
CA ALA D 182 21.68 28.82 -8.24
C ALA D 182 23.00 28.05 -8.33
N ALA D 183 24.10 28.74 -8.15
CA ALA D 183 25.39 28.11 -8.23
C ALA D 183 26.44 28.91 -7.50
N SER D 184 27.59 28.26 -7.29
CA SER D 184 28.70 28.82 -6.54
C SER D 184 30.00 28.61 -7.33
N SER D 185 31.00 29.47 -7.09
CA SER D 185 32.36 29.25 -7.62
C SER D 185 33.38 29.63 -6.58
N TYR D 186 34.45 28.84 -6.49
CA TYR D 186 35.52 29.06 -5.49
C TYR D 186 36.83 29.23 -6.23
N LEU D 187 37.44 30.40 -6.09
CA LEU D 187 38.74 30.65 -6.63
C LEU D 187 39.69 30.59 -5.46
N SER D 188 40.66 29.68 -5.55
CA SER D 188 41.73 29.56 -4.56
C SER D 188 42.99 30.33 -4.99
N LEU D 189 43.70 30.89 -4.03
CA LEU D 189 44.96 31.55 -4.30
C LEU D 189 45.93 31.28 -3.16
N THR D 190 47.11 31.86 -3.27
CA THR D 190 48.05 31.96 -2.16
C THR D 190 47.85 33.33 -1.53
N PRO D 191 48.03 33.43 -0.22
CA PRO D 191 47.79 34.73 0.44
C PRO D 191 48.66 35.89 -0.09
N GLU D 192 49.78 35.56 -0.71
CA GLU D 192 50.63 36.55 -1.36
C GLU D 192 49.99 36.84 -2.73
N GLN D 193 49.59 35.77 -3.43
CA GLN D 193 48.81 35.85 -4.67
C GLN D 193 47.54 36.70 -4.52
N TRP D 194 47.00 36.77 -3.31
CA TRP D 194 45.75 37.51 -3.08
C TRP D 194 45.96 39.02 -2.93
N LYS D 195 47.13 39.40 -2.43
CA LYS D 195 47.47 40.81 -2.22
C LYS D 195 48.39 41.39 -3.29
N SER D 196 48.92 40.54 -4.18
CA SER D 196 49.64 41.03 -5.38
C SER D 196 48.78 42.10 -6.04
N HIS D 197 47.50 41.77 -6.19
CA HIS D 197 46.57 42.50 -7.03
C HIS D 197 45.79 43.47 -6.17
N ARG D 198 45.03 44.36 -6.78
CA ARG D 198 44.28 45.36 -5.99
C ARG D 198 42.84 45.00 -5.90
N SER D 199 42.33 44.37 -6.97
CA SER D 199 40.94 43.92 -7.03
C SER D 199 40.83 42.59 -7.75
N TYR D 200 39.82 41.83 -7.35
CA TYR D 200 39.46 40.58 -7.97
C TYR D 200 37.95 40.64 -8.32
N SER D 201 37.55 39.85 -9.32
CA SER D 201 36.19 39.91 -9.82
C SER D 201 35.59 38.55 -10.00
N CYS D 202 34.32 38.47 -9.69
CA CYS D 202 33.54 37.35 -10.11
C CYS D 202 32.63 37.82 -11.25
N GLN D 203 32.86 37.27 -12.45
CA GLN D 203 32.12 37.62 -13.70
C GLN D 203 31.09 36.58 -13.93
N VAL D 204 29.84 36.91 -13.62
CA VAL D 204 28.73 36.01 -13.86
C VAL D 204 27.91 36.53 -15.01
N THR D 205 27.82 35.72 -16.07
CA THR D 205 27.14 36.08 -17.30
C THR D 205 25.96 35.12 -17.42
N HIS D 206 24.75 35.69 -17.50
CA HIS D 206 23.51 34.88 -17.55
C HIS D 206 22.87 35.15 -18.85
N GLU D 207 22.81 34.12 -19.68
CA GLU D 207 22.08 34.21 -20.94
C GLU D 207 22.72 35.26 -21.85
N GLY D 208 22.28 36.51 -21.70
CA GLY D 208 22.72 37.59 -22.56
C GLY D 208 23.73 38.45 -21.86
N SER D 209 23.43 38.84 -20.63
CA SER D 209 24.19 39.88 -19.98
C SER D 209 25.34 39.29 -19.16
N THR D 210 26.05 40.20 -18.47
CA THR D 210 27.12 39.86 -17.55
C THR D 210 26.97 40.73 -16.32
N VAL D 211 27.09 40.13 -15.14
CA VAL D 211 27.16 40.87 -13.91
C VAL D 211 28.53 40.59 -13.31
N GLU D 212 29.18 41.62 -12.78
CA GLU D 212 30.37 41.38 -11.98
C GLU D 212 30.38 42.14 -10.66
N LYS D 213 31.03 41.51 -9.69
CA LYS D 213 31.19 42.05 -8.35
C LYS D 213 32.68 41.97 -8.07
N THR D 214 33.21 42.99 -7.40
CA THR D 214 34.65 43.13 -7.21
C THR D 214 34.99 43.19 -5.72
N VAL D 215 36.10 42.56 -5.38
CA VAL D 215 36.57 42.47 -4.01
C VAL D 215 38.02 42.96 -3.94
N ALA D 216 38.35 43.64 -2.86
CA ALA D 216 39.70 44.19 -2.66
C ALA D 216 40.11 44.04 -1.19
N PRO D 217 41.44 43.98 -0.88
CA PRO D 217 41.84 43.88 0.53
C PRO D 217 41.54 45.12 1.35
C1 NAG E . -30.92 -14.13 20.62
C2 NAG E . -32.35 -13.80 20.21
C3 NAG E . -32.66 -12.40 20.70
C4 NAG E . -32.38 -12.29 22.20
C5 NAG E . -31.09 -13.00 22.67
C6 NAG E . -31.11 -13.30 24.15
C7 NAG E . -32.92 -14.96 18.12
C8 NAG E . -32.95 -14.80 16.63
N2 NAG E . -32.49 -13.88 18.77
O3 NAG E . -34.02 -12.09 20.45
O4 NAG E . -32.28 -10.89 22.50
O5 NAG E . -30.87 -14.27 22.02
O6 NAG E . -30.64 -14.65 24.35
O7 NAG E . -33.26 -15.99 18.67
C1 NAG F . -14.99 -18.33 27.99
C2 NAG F . -14.96 -19.01 29.35
C3 NAG F . -13.83 -20.04 29.40
C4 NAG F . -14.05 -21.14 28.39
C5 NAG F . -14.60 -20.61 27.04
C6 NAG F . -16.06 -21.02 26.81
C7 NAG F . -15.59 -17.97 31.49
C8 NAG F . -15.25 -16.86 32.45
N2 NAG F . -14.79 -18.03 30.42
O3 NAG F . -13.75 -20.61 30.71
O4 NAG F . -12.82 -21.85 28.20
O5 NAG F . -14.48 -19.18 26.94
O6 NAG F . -16.29 -21.26 25.42
O7 NAG F . -16.52 -18.73 31.67
C1 NAG G . -14.28 -28.51 0.77
C2 NAG G . -14.33 -28.38 -0.78
C3 NAG G . -13.74 -29.63 -1.42
C4 NAG G . -12.36 -29.92 -0.87
C5 NAG G . -12.39 -29.96 0.66
C6 NAG G . -10.99 -30.13 1.26
C7 NAG G . -16.14 -27.09 -1.91
C8 NAG G . -17.62 -27.15 -2.19
N2 NAG G . -15.69 -28.15 -1.24
O3 NAG G . -13.58 -29.42 -2.82
O4 NAG G . -11.91 -31.16 -1.43
O5 NAG G . -12.97 -28.78 1.20
O6 NAG G . -10.21 -28.94 1.08
O7 NAG G . -15.45 -26.15 -2.27
C1 NAG H . -39.93 -8.70 13.67
C2 NAG H . -40.34 -7.53 14.58
C3 NAG H . -41.73 -6.95 14.27
C4 NAG H . -42.24 -7.11 12.83
C5 NAG H . -41.79 -8.40 12.18
C6 NAG H . -42.10 -8.46 10.68
C7 NAG H . -39.52 -7.57 16.93
C8 NAG H . -39.68 -8.26 18.27
N2 NAG H . -40.32 -8.02 15.96
O3 NAG H . -41.65 -5.54 14.55
O4 NAG H . -43.67 -7.11 12.83
O5 NAG H . -40.39 -8.49 12.34
O6 NAG H . -42.67 -9.71 10.32
O7 NAG H . -38.72 -6.67 16.76
C1 NAG I . -26.49 -31.33 18.72
C2 NAG I . -25.80 -32.08 19.87
C3 NAG I . -26.78 -33.05 20.50
C4 NAG I . -27.91 -32.24 21.09
C5 NAG I . -28.55 -31.44 19.94
C6 NAG I . -29.64 -30.48 20.40
C7 NAG I . -24.23 -33.54 18.56
C8 NAG I . -25.31 -34.16 17.70
N2 NAG I . -24.51 -32.65 19.51
O3 NAG I . -26.18 -33.88 21.48
O4 NAG I . -28.84 -33.14 21.69
O5 NAG I . -27.58 -30.62 19.28
O6 NAG I . -30.00 -29.63 19.29
O7 NAG I . -23.06 -33.87 18.41
C1 NAG J . -16.51 -40.70 -3.60
C2 NAG J . -15.70 -41.52 -2.59
C3 NAG J . -15.19 -42.85 -3.18
C4 NAG J . -14.75 -42.75 -4.64
C5 NAG J . -15.79 -42.01 -5.49
C6 NAG J . -16.30 -42.91 -6.62
C7 NAG J . -14.36 -40.45 -0.83
C8 NAG J . -13.09 -39.68 -0.52
N2 NAG J . -14.55 -40.78 -2.11
O3 NAG J . -16.23 -43.82 -3.09
O4 NAG J . -13.50 -42.06 -4.72
O5 NAG J . -16.90 -41.57 -4.69
O6 NAG J . -16.91 -44.07 -6.05
O7 NAG J . -15.15 -40.77 0.04
C1 NAG K . -23.57 -44.30 6.98
C2 NAG K . -22.51 -45.41 6.99
C3 NAG K . -22.57 -46.31 8.23
C4 NAG K . -22.88 -45.54 9.51
C5 NAG K . -24.13 -44.68 9.27
C6 NAG K . -24.67 -43.97 10.53
C7 NAG K . -21.84 -46.06 4.69
C8 NAG K . -22.15 -47.00 3.56
N2 NAG K . -22.63 -46.21 5.77
O3 NAG K . -21.34 -47.00 8.39
O4 NAG K . -23.07 -46.44 10.60
O5 NAG K . -23.76 -43.73 8.29
O6 NAG K . -23.60 -43.54 11.37
O7 NAG K . -20.94 -45.25 4.63
C1 NAG L . -36.07 -32.38 -8.65
C2 NAG L . -36.52 -31.42 -9.74
C3 NAG L . -38.05 -31.24 -9.83
C4 NAG L . -38.83 -32.48 -9.40
C5 NAG L . -38.18 -33.05 -8.13
C6 NAG L . -38.96 -34.15 -7.41
C7 NAG L . -35.35 -29.35 -10.46
C8 NAG L . -34.78 -28.04 -9.99
N2 NAG L . -35.90 -30.12 -9.51
O3 NAG L . -38.43 -30.87 -11.17
O4 NAG L . -40.22 -32.16 -9.16
O5 NAG L . -36.89 -33.52 -8.52
O6 NAG L . -38.77 -35.41 -8.05
O7 NAG L . -35.26 -29.62 -11.65
C1 NAG M . -38.53 -40.18 0.75
C2 NAG M . -37.88 -40.59 -0.66
C3 NAG M . -38.05 -42.09 -0.96
C4 NAG M . -39.49 -42.55 -0.76
C5 NAG M . -39.93 -42.35 0.70
C6 NAG M . -39.79 -43.64 1.50
C7 NAG M . -37.63 -38.90 -2.50
C8 NAG M . -38.13 -38.34 -3.80
N2 NAG M . -38.30 -39.92 -1.94
O3 NAG M . -37.15 -42.83 -0.13
O4 NAG M . -40.40 -41.79 -1.55
O5 NAG M . -39.17 -41.31 1.37
O6 NAG M . -39.29 -43.28 2.79
O7 NAG M . -36.67 -38.42 -1.94
C1 NAG N . -49.54 -13.14 11.63
C2 NAG N . -48.15 -13.25 12.27
C3 NAG N . -47.67 -11.86 12.63
C4 NAG N . -47.79 -10.91 11.44
C5 NAG N . -48.83 -11.27 10.34
C6 NAG N . -48.29 -10.99 8.94
C7 NAG N . -47.46 -15.22 13.57
C8 NAG N . -47.61 -15.95 14.89
N2 NAG N . -48.16 -14.10 13.45
O3 NAG N . -46.30 -11.97 13.06
O4 NAG N . -48.13 -9.61 11.94
O5 NAG N . -49.31 -12.63 10.33
O6 NAG N . -48.41 -12.19 8.14
O7 NAG N . -46.73 -15.63 12.68
C1 MPD O . 17.26 11.55 -15.16
C2 MPD O . 15.91 11.66 -14.45
O2 MPD O . 14.88 11.92 -15.41
CM MPD O . 15.57 10.36 -13.74
C3 MPD O . 15.85 12.79 -13.42
C4 MPD O . 16.47 14.10 -13.90
O4 MPD O . 15.89 14.50 -15.13
C5 MPD O . 16.31 15.22 -12.86
#